data_4PBA
#
_entry.id   4PBA
#
_cell.length_a   54.673
_cell.length_b   147.133
_cell.length_c   103.485
_cell.angle_alpha   90.00
_cell.angle_beta   94.34
_cell.angle_gamma   90.00
#
_symmetry.space_group_name_H-M   'P 1 21 1'
#
loop_
_entity.id
_entity.type
_entity.pdbx_description
1 polymer 'Uncharacterized protein AbaSI'
2 polymer 'DNA (32-MER)'
#
loop_
_entity_poly.entity_id
_entity_poly.type
_entity_poly.pdbx_seq_one_letter_code
_entity_poly.pdbx_strand_id
1 'polypeptide(L)'
;MSNKASSDLTDYVIRQLGRTKNKRYEAYVVSRIIHLLNDFTLKFVTQQFVRLSNKKIALTDLYFPQLGIHIEVDEGHHFL
RNSKMEYSLNQIDEPLYSISQTESDAMREEDIISITGHKIFRVNVFKNQEGQPQNLENIHQQIDKIIEEIKTAKNKLIEA
STFKEWNIETEYNPQTYIDLGRISLADNVVLKTTKDVCNCFGYSYKNYQRGGALHPYKKDTLIWFPRLYENKDWINTISP
DGLTITEKSTDETITLKKLEEWKNGPQKRIVFARVKDNLSSRAMYRFMGLYEFQKADLKDGAVWKRVKSEVQTYSPKETK
S
;
B,A,C,D
2 'polydeoxyribonucleotide'
;(DC)(DT)(DA)(DA)(5HC)(DG)(DT)(DG)(DG)(DA)(DT)(DG)(DA)(DT)(DA)(DA)(DT)(DT)(DA)
(DT)(DC)(DA)(DT)(DC)(DC)(DA)(DC)(DG)(DT)(DT)(DA)(DG)
;
E,F
#
loop_
_chem_comp.id
_chem_comp.type
_chem_comp.name
_chem_comp.formula
5HC DNA linking '2'-deoxy-5-(hydroxymethyl)cytidine 5'-(dihydrogen phosphate)' 'C10 H16 N3 O8 P'
DA DNA linking 2'-DEOXYADENOSINE-5'-MONOPHOSPHATE 'C10 H14 N5 O6 P'
DC DNA linking 2'-DEOXYCYTIDINE-5'-MONOPHOSPHATE 'C9 H14 N3 O7 P'
DG DNA linking 2'-DEOXYGUANOSINE-5'-MONOPHOSPHATE 'C10 H14 N5 O7 P'
DT DNA linking THYMIDINE-5'-MONOPHOSPHATE 'C10 H15 N2 O8 P'
#
# COMPACT_ATOMS: atom_id res chain seq x y z
N ALA A 5 -7.57 42.67 7.83
CA ALA A 5 -6.57 43.66 7.45
C ALA A 5 -5.65 43.11 6.37
N SER A 6 -4.37 42.97 6.71
CA SER A 6 -3.40 42.40 5.77
C SER A 6 -3.33 40.88 5.91
N SER A 7 -4.15 40.35 6.81
CA SER A 7 -4.22 38.90 7.02
C SER A 7 -4.96 38.23 5.87
N ASP A 8 -5.86 38.97 5.22
CA ASP A 8 -6.53 38.49 4.03
C ASP A 8 -5.53 38.26 2.91
N LEU A 9 -4.55 39.15 2.85
CA LEU A 9 -3.44 39.03 1.89
C LEU A 9 -2.68 37.73 2.14
N THR A 10 -2.36 37.48 3.41
CA THR A 10 -1.65 36.27 3.80
C THR A 10 -2.44 35.02 3.45
N ASP A 11 -3.73 35.00 3.80
CA ASP A 11 -4.60 33.87 3.51
C ASP A 11 -4.66 33.60 2.01
N TYR A 12 -4.83 34.66 1.23
CA TYR A 12 -4.88 34.54 -0.22
C TYR A 12 -3.58 33.93 -0.76
N VAL A 13 -2.45 34.50 -0.34
CA VAL A 13 -1.15 34.04 -0.80
C VAL A 13 -0.91 32.56 -0.46
N ILE A 14 -1.19 32.19 0.79
CA ILE A 14 -1.01 30.81 1.22
C ILE A 14 -1.90 29.86 0.44
N ARG A 15 -3.17 30.24 0.23
CA ARG A 15 -4.10 29.37 -0.48
C ARG A 15 -3.78 29.25 -1.97
N GLN A 16 -3.21 30.30 -2.54
CA GLN A 16 -2.82 30.27 -3.95
C GLN A 16 -1.61 29.38 -4.17
N LEU A 17 -0.73 29.32 -3.17
CA LEU A 17 0.48 28.50 -3.27
C LEU A 17 0.26 27.13 -2.62
N GLY A 18 -0.95 26.91 -2.12
CA GLY A 18 -1.27 25.67 -1.45
C GLY A 18 -2.18 24.74 -2.25
N ARG A 19 -2.38 25.07 -3.52
CA ARG A 19 -3.23 24.24 -4.38
C ARG A 19 -2.59 22.88 -4.62
N THR A 20 -3.42 21.88 -4.90
CA THR A 20 -2.91 20.56 -5.27
C THR A 20 -2.18 20.67 -6.60
N LYS A 21 -0.94 20.19 -6.62
CA LYS A 21 -0.06 20.41 -7.76
C LYS A 21 -0.41 19.55 -8.96
N ASN A 22 -0.57 20.20 -10.12
CA ASN A 22 -0.82 19.48 -11.36
C ASN A 22 0.48 18.91 -11.93
N LYS A 23 1.58 19.60 -11.68
CA LYS A 23 2.88 19.21 -12.21
C LYS A 23 3.88 18.99 -11.10
N ARG A 24 4.96 18.28 -11.41
CA ARG A 24 5.95 17.91 -10.41
C ARG A 24 6.80 19.11 -9.96
N TYR A 25 7.27 19.89 -10.93
CA TYR A 25 8.17 21.01 -10.66
C TYR A 25 7.44 22.36 -10.53
N GLU A 26 6.12 22.33 -10.61
CA GLU A 26 5.31 23.56 -10.55
C GLU A 26 5.55 24.37 -9.28
N ALA A 27 5.36 23.71 -8.14
CA ALA A 27 5.44 24.37 -6.83
C ALA A 27 6.76 25.10 -6.61
N TYR A 28 7.87 24.41 -6.90
CA TYR A 28 9.20 24.99 -6.70
C TYR A 28 9.40 26.26 -7.52
N VAL A 29 9.14 26.16 -8.82
CA VAL A 29 9.33 27.28 -9.73
C VAL A 29 8.44 28.46 -9.36
N VAL A 30 7.15 28.20 -9.17
CA VAL A 30 6.20 29.25 -8.82
C VAL A 30 6.60 29.94 -7.52
N SER A 31 6.85 29.15 -6.48
CA SER A 31 7.22 29.68 -5.17
C SER A 31 8.51 30.49 -5.22
N ARG A 32 9.49 30.01 -5.96
CA ARG A 32 10.76 30.73 -6.08
C ARG A 32 10.56 32.06 -6.82
N ILE A 33 9.74 32.03 -7.87
CA ILE A 33 9.43 33.26 -8.60
C ILE A 33 8.77 34.28 -7.67
N ILE A 34 7.74 33.84 -6.95
CA ILE A 34 7.02 34.72 -6.03
C ILE A 34 7.92 35.29 -4.94
N HIS A 35 8.70 34.43 -4.30
CA HIS A 35 9.54 34.85 -3.18
C HIS A 35 10.70 35.75 -3.61
N LEU A 36 11.33 35.42 -4.73
CA LEU A 36 12.45 36.22 -5.22
C LEU A 36 11.99 37.54 -5.82
N LEU A 37 10.78 37.55 -6.37
CA LEU A 37 10.18 38.79 -6.84
C LEU A 37 9.88 39.68 -5.63
N ASN A 38 9.25 39.09 -4.62
CA ASN A 38 9.00 39.74 -3.34
C ASN A 38 8.22 41.04 -3.46
N ASP A 39 7.35 41.14 -4.47
CA ASP A 39 6.47 42.28 -4.59
C ASP A 39 5.02 41.80 -4.53
N PHE A 40 4.35 42.11 -3.42
CA PHE A 40 2.97 41.66 -3.20
C PHE A 40 1.95 42.73 -3.57
N THR A 41 2.43 43.85 -4.09
CA THR A 41 1.55 44.85 -4.67
C THR A 41 1.03 44.35 -6.02
N LEU A 42 1.63 43.27 -6.51
CA LEU A 42 1.20 42.60 -7.72
C LEU A 42 0.36 41.38 -7.40
N LYS A 43 -0.92 41.42 -7.79
CA LYS A 43 -1.79 40.27 -7.61
C LYS A 43 -1.35 39.14 -8.54
N PHE A 44 -1.40 37.91 -8.03
CA PHE A 44 -1.02 36.75 -8.84
C PHE A 44 -1.99 35.59 -8.63
N VAL A 45 -2.18 34.80 -9.68
CA VAL A 45 -3.07 33.64 -9.62
C VAL A 45 -2.35 32.39 -10.12
N THR A 46 -2.51 31.29 -9.38
CA THR A 46 -1.89 30.03 -9.77
C THR A 46 -2.93 29.07 -10.33
N GLN A 47 -2.50 28.26 -11.31
CA GLN A 47 -3.38 27.31 -12.00
C GLN A 47 -4.60 28.02 -12.59
N GLN A 48 -4.33 29.07 -13.36
CA GLN A 48 -5.40 29.88 -13.95
C GLN A 48 -5.94 29.24 -15.23
N PHE A 49 -7.27 29.10 -15.28
CA PHE A 49 -7.93 28.54 -16.46
C PHE A 49 -8.00 29.57 -17.59
N VAL A 50 -7.58 29.16 -18.79
CA VAL A 50 -7.64 30.03 -19.95
C VAL A 50 -8.31 29.32 -21.12
N ARG A 51 -8.88 30.09 -22.04
CA ARG A 51 -9.50 29.50 -23.23
C ARG A 51 -8.58 29.64 -24.44
N LEU A 52 -8.13 28.51 -24.98
CA LEU A 52 -7.27 28.48 -26.16
C LEU A 52 -8.01 28.93 -27.44
N SER A 53 -7.24 29.30 -28.47
CA SER A 53 -7.79 29.69 -29.77
C SER A 53 -8.79 28.66 -30.32
N ASN A 54 -8.50 27.39 -30.06
CA ASN A 54 -9.21 26.25 -30.62
C ASN A 54 -10.39 25.83 -29.73
N LYS A 55 -10.62 26.62 -28.67
CA LYS A 55 -11.76 26.51 -27.75
C LYS A 55 -11.56 25.45 -26.65
N LYS A 56 -10.45 24.70 -26.68
CA LYS A 56 -10.14 23.82 -25.54
C LYS A 56 -9.81 24.67 -24.31
N ILE A 57 -9.98 24.08 -23.13
CA ILE A 57 -9.65 24.76 -21.89
C ILE A 57 -8.24 24.37 -21.43
N ALA A 58 -7.38 25.37 -21.28
CA ALA A 58 -6.02 25.14 -20.82
C ALA A 58 -5.80 25.79 -19.47
N LEU A 59 -4.59 25.66 -18.93
CA LEU A 59 -4.26 26.24 -17.65
C LEU A 59 -2.81 26.72 -17.60
N THR A 60 -2.59 27.83 -16.90
CA THR A 60 -1.23 28.34 -16.71
C THR A 60 -0.85 28.28 -15.25
N ASP A 61 0.41 27.93 -14.99
CA ASP A 61 0.89 27.70 -13.63
C ASP A 61 0.92 28.98 -12.78
N LEU A 62 1.35 30.09 -13.39
CA LEU A 62 1.36 31.37 -12.69
C LEU A 62 0.75 32.46 -13.56
N TYR A 63 -0.07 33.32 -12.97
CA TYR A 63 -0.69 34.40 -13.73
C TYR A 63 -0.73 35.72 -12.98
N PHE A 64 -0.17 36.76 -13.60
CA PHE A 64 -0.29 38.12 -13.09
C PHE A 64 -1.29 38.90 -13.95
N PRO A 65 -2.49 39.15 -13.38
CA PRO A 65 -3.59 39.83 -14.07
C PRO A 65 -3.29 41.29 -14.41
N GLN A 66 -2.63 41.99 -13.50
CA GLN A 66 -2.32 43.40 -13.70
C GLN A 66 -1.36 43.60 -14.85
N LEU A 67 -0.36 42.73 -14.96
CA LEU A 67 0.62 42.81 -16.03
C LEU A 67 0.20 41.99 -17.24
N GLY A 68 -0.84 41.18 -17.07
CA GLY A 68 -1.29 40.29 -18.12
C GLY A 68 -0.20 39.33 -18.55
N ILE A 69 0.50 38.75 -17.57
CA ILE A 69 1.63 37.89 -17.88
C ILE A 69 1.44 36.47 -17.32
N HIS A 70 1.64 35.47 -18.17
CA HIS A 70 1.55 34.09 -17.75
C HIS A 70 2.92 33.42 -17.70
N ILE A 71 3.08 32.51 -16.74
CA ILE A 71 4.29 31.73 -16.58
C ILE A 71 3.93 30.25 -16.54
N GLU A 72 4.47 29.49 -17.48
CA GLU A 72 4.19 28.06 -17.59
C GLU A 72 5.45 27.23 -17.40
N VAL A 73 5.33 26.19 -16.58
CA VAL A 73 6.41 25.22 -16.42
C VAL A 73 6.31 24.17 -17.52
N ASP A 74 7.41 23.99 -18.24
CA ASP A 74 7.48 22.96 -19.25
C ASP A 74 8.19 21.74 -18.68
N GLU A 75 7.42 20.69 -18.47
CA GLU A 75 7.94 19.39 -18.06
C GLU A 75 7.67 18.45 -19.22
N GLY A 76 8.41 17.35 -19.27
CA GLY A 76 8.02 16.27 -20.13
C GLY A 76 6.60 15.89 -19.76
N HIS A 77 5.80 15.52 -20.77
CA HIS A 77 4.41 15.16 -20.55
C HIS A 77 4.29 13.90 -19.71
N HIS A 78 5.41 13.24 -19.50
CA HIS A 78 5.45 11.98 -18.76
C HIS A 78 5.25 12.14 -17.26
N PHE A 79 5.58 13.30 -16.71
CA PHE A 79 5.34 13.51 -15.28
C PHE A 79 4.10 14.36 -15.07
N LEU A 80 3.03 13.69 -14.66
CA LEU A 80 1.77 14.36 -14.32
C LEU A 80 1.12 13.68 -13.12
N ARG A 81 0.85 14.45 -12.06
CA ARG A 81 0.06 13.94 -10.95
C ARG A 81 -1.39 13.80 -11.38
N ASN A 82 -1.91 14.87 -12.00
CA ASN A 82 -3.18 14.77 -12.71
C ASN A 82 -2.92 14.15 -14.08
N SER A 83 -3.50 12.98 -14.32
CA SER A 83 -3.36 12.33 -15.62
C SER A 83 -4.46 12.83 -16.54
N LYS A 84 -5.26 13.76 -16.02
CA LYS A 84 -6.39 14.31 -16.74
C LYS A 84 -5.98 15.35 -17.77
N MET A 85 -4.74 15.81 -17.67
CA MET A 85 -4.25 16.83 -18.59
C MET A 85 -3.76 16.21 -19.88
N GLU A 86 -3.34 17.06 -20.82
CA GLU A 86 -2.85 16.59 -22.11
C GLU A 86 -1.81 17.57 -22.66
N TYR A 87 -0.86 17.02 -23.42
CA TYR A 87 0.27 17.80 -23.90
C TYR A 87 0.17 18.03 -25.40
N SER A 88 -0.08 19.28 -25.79
CA SER A 88 -0.26 19.61 -27.19
C SER A 88 0.44 20.91 -27.56
N LEU A 89 0.66 21.11 -28.85
CA LEU A 89 1.27 22.34 -29.33
C LEU A 89 0.18 23.30 -29.83
N ASN A 90 0.36 24.59 -29.55
CA ASN A 90 -0.64 25.60 -29.86
C ASN A 90 0.01 26.91 -30.26
N GLN A 91 -0.79 27.98 -30.33
CA GLN A 91 -0.30 29.29 -30.71
C GLN A 91 0.80 29.77 -29.76
N ILE A 92 1.71 30.60 -30.28
CA ILE A 92 2.87 31.09 -29.55
C ILE A 92 2.51 31.73 -28.20
N ASP A 93 1.36 32.40 -28.17
CA ASP A 93 0.93 33.10 -26.97
C ASP A 93 0.09 32.18 -26.08
N GLU A 94 0.05 30.91 -26.44
CA GLU A 94 -0.79 29.93 -25.74
C GLU A 94 0.00 28.78 -25.10
N PRO A 95 -0.47 28.29 -23.94
CA PRO A 95 0.20 27.26 -23.16
C PRO A 95 0.21 25.89 -23.81
N LEU A 96 1.16 25.05 -23.41
CA LEU A 96 1.32 23.71 -23.98
C LEU A 96 0.46 22.66 -23.27
N TYR A 97 -0.08 23.01 -22.11
CA TYR A 97 -0.85 22.07 -21.32
C TYR A 97 -2.35 22.33 -21.38
N SER A 98 -3.11 21.30 -21.72
CA SER A 98 -4.56 21.42 -21.82
C SER A 98 -5.27 20.39 -20.96
N ILE A 99 -6.60 20.41 -21.00
CA ILE A 99 -7.42 19.44 -20.28
C ILE A 99 -8.34 18.73 -21.27
N SER A 100 -8.58 17.44 -21.05
CA SER A 100 -9.48 16.66 -21.90
C SER A 100 -10.89 17.24 -21.83
N GLN A 101 -11.59 17.25 -22.96
CA GLN A 101 -12.89 17.92 -23.06
C GLN A 101 -13.98 17.27 -22.23
N THR A 102 -13.78 16.00 -21.86
CA THR A 102 -14.77 15.26 -21.09
C THR A 102 -14.99 15.88 -19.73
N GLU A 103 -13.89 16.21 -19.05
CA GLU A 103 -13.96 16.86 -17.75
C GLU A 103 -13.99 18.37 -17.87
N SER A 104 -13.72 18.88 -19.08
CA SER A 104 -13.82 20.31 -19.35
C SER A 104 -15.28 20.73 -19.39
N ASP A 105 -16.15 19.75 -19.65
CA ASP A 105 -17.59 19.99 -19.64
C ASP A 105 -18.08 20.18 -18.21
N ALA A 106 -17.33 19.67 -17.25
CA ALA A 106 -17.64 19.86 -15.84
C ALA A 106 -17.03 21.15 -15.31
N MET A 107 -16.10 21.71 -16.09
CA MET A 107 -15.38 22.91 -15.68
C MET A 107 -16.02 24.19 -16.21
N ARG A 108 -17.19 24.06 -16.83
CA ARG A 108 -17.90 25.18 -17.43
C ARG A 108 -18.04 26.40 -16.51
N GLU A 109 -18.45 26.15 -15.27
CA GLU A 109 -18.74 27.23 -14.34
C GLU A 109 -17.50 27.95 -13.82
N GLU A 110 -16.33 27.34 -14.04
CA GLU A 110 -15.07 27.92 -13.56
C GLU A 110 -14.71 29.21 -14.28
N ASP A 111 -13.84 30.00 -13.68
CA ASP A 111 -13.43 31.28 -14.24
C ASP A 111 -12.40 31.08 -15.35
N ILE A 112 -12.74 31.53 -16.56
CA ILE A 112 -11.89 31.35 -17.72
C ILE A 112 -11.71 32.66 -18.48
N ILE A 113 -10.47 33.03 -18.77
CA ILE A 113 -10.17 34.32 -19.38
C ILE A 113 -9.54 34.21 -20.76
N SER A 114 -9.24 35.35 -21.36
CA SER A 114 -8.64 35.41 -22.69
C SER A 114 -7.14 35.71 -22.62
N ILE A 115 -6.34 34.90 -23.30
CA ILE A 115 -4.89 35.04 -23.30
C ILE A 115 -4.33 35.80 -24.51
N THR A 116 -5.23 36.33 -25.35
CA THR A 116 -4.84 36.94 -26.62
C THR A 116 -3.72 37.98 -26.51
N GLY A 117 -3.91 38.98 -25.67
CA GLY A 117 -2.92 40.04 -25.53
C GLY A 117 -1.81 39.69 -24.56
N HIS A 118 -1.97 38.57 -23.86
CA HIS A 118 -1.04 38.19 -22.81
C HIS A 118 0.23 37.51 -23.34
N LYS A 119 1.32 37.72 -22.64
CA LYS A 119 2.60 37.10 -22.97
C LYS A 119 2.89 35.93 -22.03
N ILE A 120 3.43 34.85 -22.58
CA ILE A 120 3.70 33.66 -21.79
C ILE A 120 5.17 33.28 -21.80
N PHE A 121 5.75 33.14 -20.61
CA PHE A 121 7.13 32.70 -20.47
C PHE A 121 7.17 31.24 -20.03
N ARG A 122 8.11 30.48 -20.59
CA ARG A 122 8.22 29.05 -20.28
C ARG A 122 9.49 28.71 -19.51
N VAL A 123 9.37 27.81 -18.54
CA VAL A 123 10.52 27.32 -17.81
C VAL A 123 10.79 25.86 -18.14
N ASN A 124 11.88 25.58 -18.84
CA ASN A 124 12.17 24.21 -19.25
C ASN A 124 13.04 23.51 -18.21
N VAL A 125 12.46 22.52 -17.53
CA VAL A 125 13.12 21.87 -16.41
C VAL A 125 13.92 20.63 -16.78
N PHE A 126 13.78 20.17 -18.02
CA PHE A 126 14.45 18.93 -18.43
C PHE A 126 15.41 19.13 -19.60
N LYS A 127 16.66 18.72 -19.40
CA LYS A 127 17.60 18.65 -20.50
C LYS A 127 17.55 17.24 -21.10
N ASN A 128 17.09 17.16 -22.35
CA ASN A 128 16.90 15.89 -23.04
C ASN A 128 16.05 14.89 -22.25
N GLN A 129 14.78 15.24 -22.04
CA GLN A 129 13.84 14.32 -21.41
C GLN A 129 13.46 13.26 -22.45
N GLU A 130 13.12 12.03 -22.03
CA GLU A 130 12.89 11.65 -20.63
C GLU A 130 14.16 11.51 -19.79
N GLY A 131 13.97 11.11 -18.53
CA GLY A 131 15.09 10.94 -17.62
C GLY A 131 15.54 12.19 -16.89
N GLN A 132 16.85 12.31 -16.70
CA GLN A 132 17.47 13.35 -15.88
C GLN A 132 17.01 14.78 -16.15
N PRO A 133 16.72 15.53 -15.08
CA PRO A 133 16.40 16.96 -15.11
C PRO A 133 17.64 17.82 -15.31
N GLN A 134 17.43 19.08 -15.70
CA GLN A 134 18.54 20.01 -15.86
C GLN A 134 19.04 20.50 -14.50
N ASN A 135 20.29 20.95 -14.46
CA ASN A 135 20.88 21.46 -13.22
C ASN A 135 20.14 22.68 -12.68
N LEU A 136 20.15 22.83 -11.36
CA LEU A 136 19.42 23.90 -10.67
C LEU A 136 19.76 25.29 -11.16
N GLU A 137 21.05 25.55 -11.33
CA GLU A 137 21.57 26.87 -11.71
C GLU A 137 20.86 27.47 -12.93
N ASN A 138 20.75 26.67 -13.98
CA ASN A 138 20.08 27.09 -15.21
C ASN A 138 18.61 27.45 -14.98
N ILE A 139 17.91 26.60 -14.24
CA ILE A 139 16.52 26.86 -13.88
C ILE A 139 16.39 28.18 -13.13
N HIS A 140 17.31 28.42 -12.19
CA HIS A 140 17.34 29.68 -11.45
C HIS A 140 17.61 30.85 -12.38
N GLN A 141 18.40 30.62 -13.42
CA GLN A 141 18.66 31.66 -14.42
C GLN A 141 17.36 32.03 -15.15
N GLN A 142 16.64 31.02 -15.62
CA GLN A 142 15.37 31.24 -16.30
C GLN A 142 14.39 31.99 -15.39
N ILE A 143 14.30 31.54 -14.15
CA ILE A 143 13.44 32.19 -13.17
C ILE A 143 13.82 33.65 -12.98
N ASP A 144 15.11 33.92 -12.92
CA ASP A 144 15.62 35.27 -12.72
C ASP A 144 15.27 36.19 -13.91
N LYS A 145 15.51 35.71 -15.12
CA LYS A 145 15.22 36.54 -16.30
C LYS A 145 13.72 36.79 -16.42
N ILE A 146 12.92 35.80 -16.03
CA ILE A 146 11.48 35.98 -15.97
C ILE A 146 11.12 37.08 -14.97
N ILE A 147 11.72 37.02 -13.79
CA ILE A 147 11.44 37.99 -12.73
C ILE A 147 11.78 39.41 -13.16
N GLU A 148 12.97 39.60 -13.74
CA GLU A 148 13.38 40.94 -14.17
C GLU A 148 12.50 41.41 -15.33
N GLU A 149 12.04 40.48 -16.16
CA GLU A 149 11.05 40.81 -17.18
C GLU A 149 9.78 41.36 -16.53
N ILE A 150 9.33 40.69 -15.48
CA ILE A 150 8.15 41.12 -14.73
C ILE A 150 8.33 42.53 -14.16
N LYS A 151 9.49 42.77 -13.55
CA LYS A 151 9.78 44.08 -12.97
C LYS A 151 9.79 45.18 -14.03
N THR A 152 10.43 44.92 -15.16
CA THR A 152 10.47 45.89 -16.25
C THR A 152 9.07 46.18 -16.78
N ALA A 153 8.25 45.14 -16.87
CA ALA A 153 6.86 45.30 -17.29
C ALA A 153 6.11 46.21 -16.33
N LYS A 154 6.22 45.91 -15.04
CA LYS A 154 5.58 46.73 -14.01
C LYS A 154 6.02 48.18 -14.10
N ASN A 155 7.31 48.40 -14.34
CA ASN A 155 7.84 49.75 -14.51
C ASN A 155 7.22 50.45 -15.72
N LYS A 156 7.12 49.71 -16.83
CA LYS A 156 6.51 50.23 -18.04
C LYS A 156 5.06 50.63 -17.80
N LEU A 157 4.38 49.91 -16.91
CA LEU A 157 3.00 50.23 -16.59
C LEU A 157 2.85 51.41 -15.63
N ILE A 158 3.73 51.50 -14.63
CA ILE A 158 3.65 52.58 -13.65
C ILE A 158 4.12 53.89 -14.26
N GLU A 159 4.94 53.81 -15.31
CA GLU A 159 5.40 55.01 -16.01
C GLU A 159 4.29 55.59 -16.87
N ALA A 160 3.37 54.73 -17.30
CA ALA A 160 2.25 55.15 -18.14
C ALA A 160 1.02 55.45 -17.30
N SER A 161 1.16 55.28 -15.99
CA SER A 161 0.10 55.57 -15.02
C SER A 161 -1.17 54.75 -15.26
N THR A 162 -1.02 53.61 -15.91
CA THR A 162 -2.15 52.71 -16.14
C THR A 162 -2.23 51.67 -15.03
N PHE A 163 -1.22 51.64 -14.17
CA PHE A 163 -1.15 50.65 -13.11
C PHE A 163 -1.89 51.08 -11.86
N LYS A 164 -2.73 50.19 -11.34
CA LYS A 164 -3.42 50.43 -10.08
C LYS A 164 -3.02 49.34 -9.07
N GLU A 165 -2.56 49.77 -7.90
CA GLU A 165 -2.04 48.83 -6.91
C GLU A 165 -3.13 47.89 -6.38
N TRP A 166 -2.69 46.73 -5.90
CA TRP A 166 -3.58 45.68 -5.44
C TRP A 166 -3.97 45.87 -3.97
N ASN A 167 -5.27 46.02 -3.72
CA ASN A 167 -5.77 46.12 -2.35
C ASN A 167 -6.99 45.22 -2.16
N ILE A 168 -6.88 44.27 -1.24
CA ILE A 168 -7.94 43.30 -0.99
C ILE A 168 -9.25 43.94 -0.56
N GLU A 169 -9.17 44.87 0.38
CA GLU A 169 -10.37 45.48 0.96
C GLU A 169 -11.17 46.28 -0.06
N THR A 170 -10.49 47.04 -0.90
CA THR A 170 -11.16 47.98 -1.80
C THR A 170 -11.54 47.39 -3.16
N GLU A 171 -11.03 46.21 -3.49
CA GLU A 171 -11.24 45.66 -4.83
C GLU A 171 -12.63 45.06 -5.01
N TYR A 172 -13.24 44.61 -3.91
CA TYR A 172 -14.58 44.05 -3.98
C TYR A 172 -15.66 45.08 -3.63
N ASN A 173 -15.23 46.30 -3.31
CA ASN A 173 -16.15 47.36 -2.95
C ASN A 173 -16.55 48.19 -4.16
N PRO A 174 -17.85 48.20 -4.48
CA PRO A 174 -18.41 48.97 -5.61
C PRO A 174 -18.09 50.45 -5.55
N GLN A 175 -18.10 51.01 -4.34
CA GLN A 175 -17.86 52.44 -4.14
C GLN A 175 -16.51 52.86 -4.69
N THR A 176 -15.53 51.98 -4.62
CA THR A 176 -14.20 52.27 -5.12
C THR A 176 -14.20 52.42 -6.63
N TYR A 177 -15.02 51.62 -7.30
CA TYR A 177 -15.14 51.69 -8.75
C TYR A 177 -16.02 52.87 -9.16
N ILE A 178 -16.90 53.29 -8.25
CA ILE A 178 -17.66 54.52 -8.47
C ILE A 178 -16.73 55.73 -8.36
N ASP A 179 -15.73 55.61 -7.47
CA ASP A 179 -14.74 56.66 -7.26
C ASP A 179 -13.76 56.73 -8.43
N LEU A 180 -13.37 55.55 -8.93
CA LEU A 180 -12.50 55.49 -10.10
C LEU A 180 -13.24 56.03 -11.32
N GLY A 181 -14.55 55.79 -11.35
CA GLY A 181 -15.41 56.32 -12.39
C GLY A 181 -15.59 55.42 -13.60
N ARG A 182 -14.63 54.51 -13.79
CA ARG A 182 -14.70 53.60 -14.91
C ARG A 182 -14.47 52.15 -14.49
N ILE A 183 -15.29 51.26 -15.03
CA ILE A 183 -15.08 49.83 -14.92
C ILE A 183 -14.47 49.32 -16.21
N SER A 184 -13.24 48.83 -16.15
CA SER A 184 -12.50 48.47 -17.35
C SER A 184 -12.09 47.01 -17.39
N LEU A 185 -11.78 46.52 -18.58
CA LEU A 185 -11.32 45.16 -18.76
C LEU A 185 -9.87 45.02 -18.29
N ALA A 186 -9.13 46.11 -18.40
CA ALA A 186 -7.71 46.13 -18.01
C ALA A 186 -7.55 46.07 -16.50
N ASP A 187 -8.58 46.50 -15.77
CA ASP A 187 -8.52 46.52 -14.32
C ASP A 187 -8.92 45.18 -13.71
N ASN A 188 -9.41 44.27 -14.55
CA ASN A 188 -9.82 42.94 -14.12
C ASN A 188 -10.84 43.00 -12.97
N VAL A 189 -12.04 43.50 -13.28
CA VAL A 189 -13.05 43.75 -12.26
C VAL A 189 -13.98 42.57 -12.06
N VAL A 190 -14.05 42.09 -10.81
CA VAL A 190 -14.96 41.01 -10.44
C VAL A 190 -15.66 41.34 -9.12
N LEU A 191 -16.97 41.15 -9.06
CA LEU A 191 -17.72 41.45 -7.85
C LEU A 191 -18.38 40.20 -7.27
N LYS A 192 -18.68 40.24 -5.97
CA LYS A 192 -19.14 39.06 -5.25
C LYS A 192 -20.58 38.66 -5.57
N THR A 193 -21.40 39.64 -5.94
CA THR A 193 -22.82 39.37 -6.18
C THR A 193 -23.48 40.38 -7.11
N THR A 194 -24.65 40.02 -7.62
CA THR A 194 -25.38 40.86 -8.57
C THR A 194 -25.79 42.21 -7.99
N LYS A 195 -26.10 42.24 -6.69
CA LYS A 195 -26.51 43.47 -6.05
C LYS A 195 -25.41 44.53 -6.11
N ASP A 196 -24.15 44.09 -6.10
CA ASP A 196 -23.02 45.01 -6.13
C ASP A 196 -22.88 45.69 -7.48
N VAL A 197 -22.84 44.90 -8.55
CA VAL A 197 -22.75 45.44 -9.90
C VAL A 197 -23.97 46.30 -10.20
N CYS A 198 -25.13 45.90 -9.70
CA CYS A 198 -26.33 46.71 -9.82
C CYS A 198 -26.16 48.05 -9.10
N ASN A 199 -25.52 48.01 -7.92
CA ASN A 199 -25.29 49.23 -7.15
C ASN A 199 -24.24 50.14 -7.77
N CYS A 200 -23.41 49.57 -8.63
CA CYS A 200 -22.40 50.35 -9.34
C CYS A 200 -23.03 51.32 -10.33
N PHE A 201 -24.16 50.91 -10.90
CA PHE A 201 -24.84 51.71 -11.92
C PHE A 201 -25.96 52.58 -11.34
N GLY A 202 -26.09 52.59 -10.01
CA GLY A 202 -27.03 53.47 -9.34
C GLY A 202 -28.27 52.86 -8.71
N TYR A 203 -28.39 51.54 -8.77
CA TYR A 203 -29.48 50.87 -8.08
C TYR A 203 -29.27 50.82 -6.57
N SER A 204 -30.36 50.84 -5.81
CA SER A 204 -30.29 50.60 -4.39
C SER A 204 -30.93 49.25 -4.08
N TYR A 205 -30.10 48.26 -3.75
CA TYR A 205 -30.56 46.88 -3.62
C TYR A 205 -29.92 46.14 -2.45
N LYS A 206 -30.74 45.45 -1.68
CA LYS A 206 -30.26 44.57 -0.62
C LYS A 206 -29.79 43.25 -1.21
N ASN A 207 -30.55 42.74 -2.18
CA ASN A 207 -30.12 41.61 -3.00
C ASN A 207 -30.85 41.63 -4.34
N TYR A 208 -30.24 41.04 -5.36
CA TYR A 208 -30.87 40.99 -6.67
C TYR A 208 -30.88 39.58 -7.24
N GLN A 209 -32.07 39.01 -7.38
CA GLN A 209 -32.23 37.62 -7.82
C GLN A 209 -32.43 37.48 -9.34
N ARG A 210 -32.65 38.61 -10.03
CA ARG A 210 -32.98 38.56 -11.45
C ARG A 210 -31.74 38.40 -12.34
N GLY A 211 -31.94 37.74 -13.48
CA GLY A 211 -30.86 37.47 -14.42
C GLY A 211 -30.31 38.72 -15.08
N GLY A 212 -31.13 39.76 -15.17
CA GLY A 212 -30.72 41.00 -15.81
C GLY A 212 -31.43 42.21 -15.21
N ALA A 213 -30.82 43.38 -15.39
CA ALA A 213 -31.37 44.62 -14.83
C ALA A 213 -31.21 45.78 -15.79
N LEU A 214 -32.28 46.55 -15.98
CA LEU A 214 -32.24 47.69 -16.88
C LEU A 214 -31.34 48.79 -16.32
N HIS A 215 -30.46 49.32 -17.17
CA HIS A 215 -29.58 50.42 -16.80
C HIS A 215 -30.41 51.68 -16.51
N PRO A 216 -30.33 52.18 -15.27
CA PRO A 216 -31.11 53.36 -14.85
C PRO A 216 -30.89 54.61 -15.71
N TYR A 217 -29.63 54.91 -16.05
CA TYR A 217 -29.32 56.14 -16.76
C TYR A 217 -29.24 55.97 -18.28
N LYS A 218 -29.39 54.73 -18.75
CA LYS A 218 -29.44 54.48 -20.18
C LYS A 218 -30.56 53.49 -20.52
N LYS A 219 -31.52 53.94 -21.32
CA LYS A 219 -32.67 53.12 -21.67
C LYS A 219 -32.36 52.10 -22.75
N ASP A 220 -31.27 52.33 -23.49
CA ASP A 220 -30.90 51.43 -24.58
C ASP A 220 -29.90 50.37 -24.12
N THR A 221 -29.53 50.43 -22.85
CA THR A 221 -28.53 49.53 -22.30
C THR A 221 -29.12 48.57 -21.26
N LEU A 222 -28.63 47.35 -21.23
CA LEU A 222 -29.09 46.35 -20.27
C LEU A 222 -27.92 45.69 -19.55
N ILE A 223 -27.97 45.68 -18.22
CA ILE A 223 -26.98 44.98 -17.42
C ILE A 223 -27.33 43.50 -17.42
N TRP A 224 -26.40 42.68 -17.90
CA TRP A 224 -26.67 41.26 -18.11
C TRP A 224 -25.78 40.38 -17.25
N PHE A 225 -26.37 39.33 -16.67
CA PHE A 225 -25.62 38.37 -15.87
C PHE A 225 -25.77 36.95 -16.42
N PRO A 226 -25.24 36.71 -17.63
CA PRO A 226 -25.41 35.41 -18.28
C PRO A 226 -24.43 34.35 -17.78
N ARG A 227 -24.80 33.09 -17.95
CA ARG A 227 -23.84 32.00 -17.89
C ARG A 227 -23.28 31.84 -19.30
N LEU A 228 -21.96 31.99 -19.45
CA LEU A 228 -21.34 32.00 -20.76
C LEU A 228 -21.10 30.58 -21.27
N TYR A 229 -21.55 29.61 -20.49
CA TYR A 229 -21.50 28.21 -20.87
C TYR A 229 -22.91 27.70 -21.13
N GLU A 230 -23.04 26.42 -21.47
CA GLU A 230 -24.34 25.83 -21.71
C GLU A 230 -24.97 25.31 -20.43
N ASN A 231 -26.19 25.76 -20.16
CA ASN A 231 -26.93 25.32 -18.98
C ASN A 231 -28.31 24.79 -19.35
N LYS A 232 -29.10 24.45 -18.33
CA LYS A 232 -30.44 23.92 -18.52
C LYS A 232 -31.33 24.86 -19.33
N ASP A 233 -31.36 26.13 -18.94
CA ASP A 233 -32.25 27.11 -19.55
C ASP A 233 -31.73 27.65 -20.89
N TRP A 234 -30.44 27.97 -20.94
CA TRP A 234 -29.88 28.61 -22.13
C TRP A 234 -28.60 27.93 -22.62
N ILE A 235 -28.32 28.10 -23.90
CA ILE A 235 -27.03 27.71 -24.47
C ILE A 235 -26.27 28.94 -24.93
N ASN A 236 -25.22 29.29 -24.20
CA ASN A 236 -24.46 30.50 -24.51
C ASN A 236 -22.99 30.20 -24.72
N THR A 237 -22.36 30.91 -25.65
CA THR A 237 -20.93 30.75 -25.89
C THR A 237 -20.24 32.10 -25.99
N ILE A 238 -18.92 32.09 -25.80
CA ILE A 238 -18.12 33.30 -25.99
C ILE A 238 -16.82 32.95 -26.71
N SER A 239 -16.48 33.75 -27.71
CA SER A 239 -15.26 33.54 -28.49
C SER A 239 -14.02 33.70 -27.61
N PRO A 240 -12.96 32.92 -27.90
CA PRO A 240 -11.68 33.01 -27.17
C PRO A 240 -11.10 34.42 -27.16
N ASP A 241 -11.48 35.24 -28.14
CA ASP A 241 -11.03 36.61 -28.19
C ASP A 241 -11.86 37.51 -27.29
N GLY A 242 -13.04 37.01 -26.91
CA GLY A 242 -13.96 37.76 -26.08
C GLY A 242 -14.75 38.80 -26.85
N LEU A 243 -14.56 38.83 -28.17
CA LEU A 243 -15.23 39.80 -29.02
C LEU A 243 -16.67 39.40 -29.35
N THR A 244 -16.92 38.10 -29.43
CA THR A 244 -18.22 37.61 -29.87
C THR A 244 -18.89 36.69 -28.84
N ILE A 245 -20.11 37.02 -28.48
CA ILE A 245 -20.91 36.18 -27.58
C ILE A 245 -22.19 35.74 -28.27
N THR A 246 -22.40 34.42 -28.34
CA THR A 246 -23.61 33.88 -28.95
C THR A 246 -24.59 33.45 -27.86
N GLU A 247 -25.87 33.76 -28.08
CA GLU A 247 -26.92 33.45 -27.13
C GLU A 247 -28.05 32.64 -27.78
N LYS A 248 -28.30 31.45 -27.25
CA LYS A 248 -29.35 30.60 -27.80
C LYS A 248 -30.09 29.92 -26.66
N SER A 249 -31.12 29.14 -26.99
CA SER A 249 -31.88 28.42 -25.98
C SER A 249 -31.96 26.95 -26.35
N THR A 250 -32.14 26.09 -25.36
CA THR A 250 -32.28 24.65 -25.58
C THR A 250 -33.50 24.37 -26.45
N ASP A 251 -34.57 25.12 -26.24
CA ASP A 251 -35.77 25.02 -27.06
C ASP A 251 -35.72 26.05 -28.18
N GLU A 252 -36.01 25.62 -29.40
CA GLU A 252 -35.95 26.50 -30.57
C GLU A 252 -37.14 27.45 -30.61
N THR A 253 -38.25 27.03 -30.03
CA THR A 253 -39.46 27.86 -29.97
C THR A 253 -39.19 29.13 -29.17
N ILE A 254 -38.56 28.95 -28.01
CA ILE A 254 -38.21 30.08 -27.14
C ILE A 254 -37.25 31.02 -27.86
N THR A 255 -36.38 30.44 -28.68
CA THR A 255 -35.44 31.24 -29.48
C THR A 255 -36.20 32.08 -30.51
N LEU A 256 -37.12 31.45 -31.23
CA LEU A 256 -37.96 32.13 -32.21
C LEU A 256 -38.74 33.27 -31.57
N LYS A 257 -39.19 33.06 -30.34
CA LYS A 257 -39.93 34.10 -29.63
C LYS A 257 -38.99 35.16 -29.04
N LYS A 258 -37.72 34.81 -28.90
CA LYS A 258 -36.73 35.73 -28.37
C LYS A 258 -36.14 36.57 -29.48
N LEU A 259 -36.39 36.19 -30.73
CA LEU A 259 -35.94 36.98 -31.88
C LEU A 259 -36.49 38.40 -31.84
N GLU A 260 -37.80 38.50 -31.70
CA GLU A 260 -38.47 39.81 -31.66
C GLU A 260 -38.04 40.60 -30.43
N GLU A 261 -37.89 39.90 -29.30
CA GLU A 261 -37.44 40.55 -28.07
C GLU A 261 -36.02 41.09 -28.24
N TRP A 262 -35.22 40.42 -29.05
CA TRP A 262 -33.84 40.82 -29.28
C TRP A 262 -33.74 42.00 -30.22
N LYS A 263 -34.53 41.98 -31.29
CA LYS A 263 -34.48 43.06 -32.27
C LYS A 263 -35.16 44.33 -31.75
N ASN A 264 -36.27 44.18 -31.05
CA ASN A 264 -37.02 45.33 -30.54
C ASN A 264 -36.57 45.79 -29.15
N GLY A 265 -35.76 44.97 -28.49
CA GLY A 265 -35.28 45.30 -27.15
C GLY A 265 -34.09 46.23 -27.18
N PRO A 266 -33.50 46.49 -26.01
CA PRO A 266 -32.30 47.34 -25.92
C PRO A 266 -31.14 46.76 -26.72
N GLN A 267 -30.51 47.61 -27.53
CA GLN A 267 -29.50 47.14 -28.49
C GLN A 267 -28.11 46.99 -27.87
N LYS A 268 -27.94 47.45 -26.64
CA LYS A 268 -26.64 47.37 -25.98
C LYS A 268 -26.74 46.63 -24.65
N ARG A 269 -25.71 45.85 -24.34
CA ARG A 269 -25.66 45.10 -23.09
C ARG A 269 -24.29 45.14 -22.42
N ILE A 270 -24.28 45.52 -21.15
CA ILE A 270 -23.07 45.47 -20.35
C ILE A 270 -23.01 44.09 -19.68
N VAL A 271 -21.96 43.33 -19.97
CA VAL A 271 -21.95 41.92 -19.58
C VAL A 271 -21.09 41.61 -18.36
N PHE A 272 -21.72 41.06 -17.33
CA PHE A 272 -21.03 40.47 -16.20
C PHE A 272 -21.29 38.97 -16.16
N ALA A 273 -20.27 38.17 -16.47
CA ALA A 273 -20.43 36.73 -16.57
C ALA A 273 -20.31 36.05 -15.22
N ARG A 274 -21.20 35.09 -14.97
CA ARG A 274 -21.17 34.34 -13.71
C ARG A 274 -20.10 33.25 -13.76
N VAL A 275 -19.15 33.32 -12.84
CA VAL A 275 -18.05 32.37 -12.79
C VAL A 275 -17.75 31.93 -11.37
N LYS A 276 -17.26 30.70 -11.21
CA LYS A 276 -16.78 30.23 -9.92
C LYS A 276 -15.42 30.85 -9.63
N ASP A 277 -15.26 31.37 -8.41
CA ASP A 277 -13.98 31.95 -8.01
C ASP A 277 -12.93 30.85 -7.96
N ASN A 278 -11.69 31.19 -8.33
CA ASN A 278 -10.61 30.21 -8.37
C ASN A 278 -10.34 29.64 -6.97
N LEU A 279 -10.71 30.41 -5.95
CA LEU A 279 -10.67 29.93 -4.57
C LEU A 279 -12.07 29.96 -3.97
N SER A 280 -12.36 28.96 -3.13
CA SER A 280 -13.58 28.90 -2.31
C SER A 280 -14.86 28.58 -3.08
N SER A 281 -14.76 28.46 -4.40
CA SER A 281 -15.88 28.02 -5.25
C SER A 281 -17.19 28.78 -5.02
N ARG A 282 -17.11 30.10 -4.96
CA ARG A 282 -18.32 30.90 -4.78
C ARG A 282 -18.70 31.60 -6.08
N ALA A 283 -19.99 31.75 -6.32
CA ALA A 283 -20.48 32.42 -7.51
C ALA A 283 -19.96 33.85 -7.54
N MET A 284 -19.29 34.21 -8.63
CA MET A 284 -18.73 35.54 -8.80
C MET A 284 -19.10 36.07 -10.18
N TYR A 285 -18.96 37.37 -10.38
CA TYR A 285 -19.32 37.97 -11.65
C TYR A 285 -18.19 38.84 -12.21
N ARG A 286 -17.65 38.41 -13.34
CA ARG A 286 -16.53 39.09 -13.98
C ARG A 286 -17.00 40.00 -15.11
N PHE A 287 -16.40 41.18 -15.21
CA PHE A 287 -16.80 42.16 -16.20
C PHE A 287 -16.25 41.80 -17.57
N MET A 288 -17.15 41.53 -18.51
CA MET A 288 -16.74 41.08 -19.84
C MET A 288 -16.71 42.21 -20.86
N GLY A 289 -17.16 43.39 -20.45
CA GLY A 289 -17.20 44.53 -21.35
C GLY A 289 -18.59 44.90 -21.83
N LEU A 290 -18.63 45.90 -22.71
CA LEU A 290 -19.86 46.39 -23.32
C LEU A 290 -20.02 45.86 -24.74
N TYR A 291 -21.05 45.03 -24.92
CA TYR A 291 -21.34 44.39 -26.19
C TYR A 291 -22.58 45.01 -26.84
N GLU A 292 -22.60 45.05 -28.17
CA GLU A 292 -23.74 45.58 -28.90
C GLU A 292 -24.40 44.50 -29.77
N PHE A 293 -25.72 44.58 -29.90
CA PHE A 293 -26.47 43.62 -30.69
C PHE A 293 -26.21 43.78 -32.19
N GLN A 294 -25.81 42.69 -32.84
CA GLN A 294 -25.56 42.69 -34.28
C GLN A 294 -26.69 42.03 -35.07
N LYS A 295 -26.85 40.73 -34.90
CA LYS A 295 -27.87 39.98 -35.66
C LYS A 295 -28.54 38.91 -34.81
N ALA A 296 -29.70 38.43 -35.27
CA ALA A 296 -30.45 37.39 -34.60
C ALA A 296 -31.04 36.41 -35.60
N ASP A 297 -30.88 35.12 -35.36
CA ASP A 297 -31.54 34.13 -36.21
C ASP A 297 -31.88 32.85 -35.44
N LEU A 298 -32.72 32.01 -36.03
CA LEU A 298 -33.24 30.81 -35.39
C LEU A 298 -32.14 29.84 -35.00
N LYS A 299 -31.34 29.51 -36.01
CA LYS A 299 -30.22 28.54 -35.92
C LYS A 299 -29.05 29.02 -35.05
N ASP A 300 -28.56 30.21 -35.34
CA ASP A 300 -27.37 30.71 -34.67
C ASP A 300 -27.73 31.45 -33.38
N GLY A 301 -29.00 31.48 -33.03
CA GLY A 301 -29.45 32.30 -31.91
C GLY A 301 -29.19 33.78 -32.20
N ALA A 302 -28.74 34.52 -31.21
CA ALA A 302 -28.35 35.91 -31.39
C ALA A 302 -26.85 36.08 -31.26
N VAL A 303 -26.33 37.09 -31.94
CA VAL A 303 -24.90 37.37 -31.96
C VAL A 303 -24.62 38.76 -31.41
N TRP A 304 -23.83 38.83 -30.34
CA TRP A 304 -23.44 40.09 -29.73
C TRP A 304 -21.95 40.34 -29.94
N LYS A 305 -21.62 41.54 -30.43
CA LYS A 305 -20.24 41.93 -30.66
C LYS A 305 -19.82 42.98 -29.63
N ARG A 306 -18.55 43.01 -29.26
CA ARG A 306 -18.08 43.90 -28.21
C ARG A 306 -17.62 45.23 -28.78
N VAL A 307 -18.38 46.28 -28.49
CA VAL A 307 -18.03 47.63 -28.91
C VAL A 307 -17.01 48.29 -27.98
N LYS A 308 -17.19 48.12 -26.66
CA LYS A 308 -16.31 48.82 -25.72
C LYS A 308 -15.73 47.91 -24.64
N SER A 309 -14.48 48.17 -24.27
CA SER A 309 -13.81 47.41 -23.23
C SER A 309 -13.90 48.10 -21.87
N GLU A 310 -14.50 49.29 -21.85
CA GLU A 310 -14.67 50.03 -20.61
C GLU A 310 -16.04 50.69 -20.54
N VAL A 311 -16.61 50.75 -19.34
CA VAL A 311 -17.92 51.37 -19.15
C VAL A 311 -17.88 52.37 -18.01
N GLN A 312 -18.63 53.46 -18.16
CA GLN A 312 -18.70 54.50 -17.14
C GLN A 312 -19.73 54.11 -16.07
N THR A 313 -19.39 54.35 -14.81
CA THR A 313 -20.30 54.04 -13.71
C THR A 313 -21.00 55.29 -13.20
N TYR A 314 -21.91 55.12 -12.24
CA TYR A 314 -22.71 56.23 -11.74
C TYR A 314 -23.05 56.09 -10.27
N SER A 315 -23.35 57.22 -9.64
CA SER A 315 -23.76 57.24 -8.23
C SER A 315 -25.25 56.88 -8.11
N PRO A 316 -25.64 56.29 -6.97
CA PRO A 316 -27.04 55.95 -6.71
C PRO A 316 -28.00 57.12 -6.86
N LYS A 317 -29.21 56.86 -7.36
CA LYS A 317 -30.18 57.92 -7.58
C LYS A 317 -31.04 58.14 -6.34
N ALA B 5 27.09 14.57 -12.92
CA ALA B 5 25.65 14.51 -12.70
C ALA B 5 25.21 15.45 -11.59
N SER B 6 24.88 16.68 -11.96
CA SER B 6 24.43 17.67 -10.99
C SER B 6 22.91 17.62 -10.83
N SER B 7 22.29 16.69 -11.54
CA SER B 7 20.84 16.54 -11.51
C SER B 7 20.36 15.93 -10.20
N ASP B 8 21.26 15.21 -9.53
CA ASP B 8 20.95 14.60 -8.24
C ASP B 8 20.62 15.68 -7.21
N LEU B 9 21.32 16.81 -7.32
CA LEU B 9 21.07 17.96 -6.46
C LEU B 9 19.66 18.49 -6.68
N THR B 10 19.29 18.64 -7.95
CA THR B 10 17.96 19.09 -8.33
C THR B 10 16.88 18.16 -7.78
N ASP B 11 17.06 16.86 -8.02
CA ASP B 11 16.12 15.85 -7.56
C ASP B 11 15.96 15.91 -6.04
N TYR B 12 17.09 16.00 -5.34
CA TYR B 12 17.07 16.09 -3.88
C TYR B 12 16.28 17.30 -3.42
N VAL B 13 16.60 18.46 -3.98
CA VAL B 13 15.93 19.70 -3.60
C VAL B 13 14.42 19.64 -3.84
N ILE B 14 14.03 19.19 -5.03
CA ILE B 14 12.61 19.10 -5.38
C ILE B 14 11.87 18.14 -4.46
N ARG B 15 12.47 16.98 -4.19
CA ARG B 15 11.83 15.98 -3.34
C ARG B 15 11.75 16.43 -1.88
N GLN B 16 12.74 17.22 -1.44
CA GLN B 16 12.75 17.72 -0.07
C GLN B 16 11.67 18.78 0.15
N LEU B 17 11.42 19.58 -0.88
CA LEU B 17 10.43 20.63 -0.81
C LEU B 17 9.07 20.15 -1.32
N GLY B 18 9.02 18.89 -1.74
CA GLY B 18 7.81 18.32 -2.29
C GLY B 18 7.11 17.31 -1.39
N ARG B 19 7.51 17.26 -0.13
CA ARG B 19 6.91 16.33 0.82
C ARG B 19 5.45 16.67 1.10
N THR B 20 4.68 15.66 1.51
CA THR B 20 3.30 15.88 1.91
C THR B 20 3.27 16.74 3.17
N LYS B 21 2.50 17.83 3.12
CA LYS B 21 2.48 18.82 4.18
C LYS B 21 1.82 18.32 5.46
N ASN B 22 2.57 18.37 6.56
CA ASN B 22 2.02 18.06 7.88
C ASN B 22 1.23 19.25 8.42
N LYS B 23 1.69 20.45 8.07
CA LYS B 23 1.08 21.68 8.56
C LYS B 23 0.64 22.56 7.40
N ARG B 24 -0.23 23.52 7.67
CA ARG B 24 -0.78 24.36 6.62
C ARG B 24 0.24 25.36 6.10
N TYR B 25 0.97 25.98 7.02
CA TYR B 25 1.91 27.06 6.67
C TYR B 25 3.35 26.59 6.49
N GLU B 26 3.58 25.29 6.56
CA GLU B 26 4.92 24.72 6.45
C GLU B 26 5.62 25.06 5.13
N ALA B 27 4.96 24.71 4.03
CA ALA B 27 5.54 24.85 2.69
C ALA B 27 6.02 26.26 2.39
N TYR B 28 5.16 27.24 2.65
CA TYR B 28 5.48 28.64 2.34
C TYR B 28 6.72 29.11 3.08
N VAL B 29 6.73 28.92 4.39
CA VAL B 29 7.85 29.37 5.22
C VAL B 29 9.15 28.66 4.84
N VAL B 30 9.11 27.33 4.76
CA VAL B 30 10.30 26.56 4.41
C VAL B 30 10.85 26.96 3.05
N SER B 31 9.99 26.98 2.03
CA SER B 31 10.40 27.33 0.68
C SER B 31 10.95 28.74 0.60
N ARG B 32 10.34 29.67 1.33
CA ARG B 32 10.79 31.05 1.32
C ARG B 32 12.18 31.17 1.96
N ILE B 33 12.38 30.45 3.06
CA ILE B 33 13.68 30.44 3.72
C ILE B 33 14.75 29.89 2.76
N ILE B 34 14.46 28.74 2.16
CA ILE B 34 15.40 28.10 1.22
C ILE B 34 15.75 29.01 0.05
N HIS B 35 14.73 29.59 -0.57
CA HIS B 35 14.92 30.40 -1.78
C HIS B 35 15.62 31.73 -1.48
N LEU B 36 15.25 32.37 -0.38
CA LEU B 36 15.87 33.65 -0.02
C LEU B 36 17.29 33.44 0.48
N LEU B 37 17.56 32.27 1.06
CA LEU B 37 18.92 31.93 1.48
C LEU B 37 19.82 31.75 0.26
N ASN B 38 19.34 30.97 -0.70
CA ASN B 38 20.02 30.77 -1.98
C ASN B 38 21.44 30.21 -1.84
N ASP B 39 21.65 29.39 -0.80
CA ASP B 39 22.94 28.75 -0.61
C ASP B 39 22.79 27.24 -0.61
N PHE B 40 23.33 26.61 -1.66
CA PHE B 40 23.25 25.16 -1.80
C PHE B 40 24.51 24.45 -1.31
N THR B 41 25.45 25.21 -0.74
CA THR B 41 26.60 24.62 -0.07
C THR B 41 26.17 24.15 1.31
N LEU B 42 24.95 24.50 1.68
CA LEU B 42 24.35 24.09 2.94
C LEU B 42 23.31 23.00 2.72
N LYS B 43 23.57 21.81 3.24
CA LYS B 43 22.60 20.72 3.14
C LYS B 43 21.42 21.02 4.05
N PHE B 44 20.21 20.72 3.59
CA PHE B 44 19.02 20.92 4.39
C PHE B 44 18.06 19.75 4.28
N VAL B 45 17.36 19.45 5.37
CA VAL B 45 16.40 18.35 5.41
C VAL B 45 15.05 18.83 5.93
N THR B 46 13.98 18.41 5.29
CA THR B 46 12.63 18.78 5.72
C THR B 46 11.94 17.60 6.40
N GLN B 47 11.11 17.91 7.39
CA GLN B 47 10.42 16.91 8.20
C GLN B 47 11.40 15.93 8.84
N GLN B 48 12.41 16.48 9.51
CA GLN B 48 13.43 15.66 10.15
C GLN B 48 12.96 15.12 11.49
N PHE B 49 13.00 13.79 11.64
CA PHE B 49 12.60 13.17 12.88
C PHE B 49 13.63 13.38 13.97
N VAL B 50 13.19 13.87 15.13
CA VAL B 50 14.08 14.04 16.26
C VAL B 50 13.54 13.32 17.49
N ARG B 51 14.45 13.03 18.43
CA ARG B 51 14.08 12.32 19.66
C ARG B 51 14.07 13.27 20.85
N LEU B 52 12.89 13.47 21.43
CA LEU B 52 12.71 14.37 22.55
C LEU B 52 13.28 13.81 23.85
N SER B 53 13.53 14.69 24.81
CA SER B 53 14.10 14.28 26.09
C SER B 53 13.14 13.37 26.86
N ASN B 54 11.85 13.58 26.66
CA ASN B 54 10.84 12.87 27.43
C ASN B 54 10.53 11.50 26.82
N LYS B 55 11.26 11.17 25.75
CA LYS B 55 11.21 9.91 25.00
C LYS B 55 10.15 9.88 23.88
N LYS B 56 9.30 10.91 23.82
CA LYS B 56 8.39 11.05 22.67
C LYS B 56 9.18 11.31 21.38
N ILE B 57 8.59 10.96 20.25
CA ILE B 57 9.18 11.26 18.95
C ILE B 57 8.60 12.55 18.39
N ALA B 58 9.49 13.46 17.97
CA ALA B 58 9.06 14.74 17.42
C ALA B 58 9.62 14.91 16.01
N LEU B 59 9.30 16.03 15.39
CA LEU B 59 9.79 16.33 14.04
C LEU B 59 9.97 17.83 13.85
N THR B 60 10.97 18.21 13.06
CA THR B 60 11.21 19.62 12.77
C THR B 60 11.01 19.87 11.28
N ASP B 61 10.43 21.03 10.97
CA ASP B 61 10.05 21.37 9.60
C ASP B 61 11.26 21.62 8.69
N LEU B 62 12.26 22.31 9.20
CA LEU B 62 13.48 22.54 8.43
C LEU B 62 14.72 22.21 9.25
N TYR B 63 15.68 21.51 8.64
CA TYR B 63 16.88 21.11 9.38
C TYR B 63 18.16 21.27 8.57
N PHE B 64 19.10 22.04 9.12
CA PHE B 64 20.45 22.14 8.57
C PHE B 64 21.42 21.36 9.45
N PRO B 65 21.88 20.20 8.96
CA PRO B 65 22.79 19.31 9.69
C PRO B 65 24.15 19.93 9.95
N GLN B 66 24.69 20.64 8.96
CA GLN B 66 26.02 21.24 9.06
C GLN B 66 26.08 22.27 10.19
N LEU B 67 25.05 23.10 10.27
CA LEU B 67 25.00 24.15 11.29
C LEU B 67 24.29 23.67 12.54
N GLY B 68 23.67 22.50 12.46
CA GLY B 68 22.89 21.96 13.56
C GLY B 68 21.75 22.89 13.94
N ILE B 69 21.02 23.37 12.93
CA ILE B 69 19.98 24.37 13.15
C ILE B 69 18.60 23.88 12.69
N HIS B 70 17.61 24.00 13.56
CA HIS B 70 16.24 23.61 13.23
C HIS B 70 15.31 24.82 13.14
N ILE B 71 14.30 24.71 12.28
CA ILE B 71 13.31 25.75 12.09
C ILE B 71 11.91 25.15 12.10
N GLU B 72 11.06 25.67 12.98
CA GLU B 72 9.73 25.11 13.18
C GLU B 72 8.62 26.15 13.04
N VAL B 73 7.55 25.76 12.35
CA VAL B 73 6.38 26.63 12.17
C VAL B 73 5.32 26.32 13.22
N ASP B 74 4.77 27.36 13.85
CA ASP B 74 3.77 27.15 14.88
C ASP B 74 2.39 27.64 14.47
N GLU B 75 1.50 26.69 14.18
CA GLU B 75 0.07 26.94 14.22
C GLU B 75 -0.49 25.91 15.18
N GLY B 76 -0.95 26.37 16.34
CA GLY B 76 -1.28 25.47 17.43
C GLY B 76 -2.68 24.92 17.32
N HIS B 77 -2.87 23.73 17.88
CA HIS B 77 -4.18 23.13 18.05
C HIS B 77 -4.92 22.77 16.75
N HIS B 78 -4.37 23.17 15.60
CA HIS B 78 -5.04 22.91 14.32
C HIS B 78 -4.36 21.77 13.55
N PHE B 79 -3.15 22.04 13.08
CA PHE B 79 -2.27 21.07 12.40
C PHE B 79 -2.94 20.17 11.35
N LEU B 80 -3.68 20.78 10.44
CA LEU B 80 -4.12 20.15 9.18
C LEU B 80 -4.70 18.73 9.33
N ARG B 81 -5.90 18.64 9.88
CA ARG B 81 -6.57 17.35 10.04
C ARG B 81 -6.68 16.58 8.72
N ASN B 82 -6.49 15.28 8.77
CA ASN B 82 -6.21 14.56 10.01
C ASN B 82 -4.75 14.16 10.14
N SER B 83 -4.06 14.79 11.08
CA SER B 83 -2.66 14.46 11.33
C SER B 83 -2.54 13.68 12.63
N LYS B 84 -1.61 12.73 12.65
CA LYS B 84 -1.35 11.93 13.83
C LYS B 84 -0.61 12.73 14.89
N MET B 85 -0.17 13.93 14.51
CA MET B 85 0.64 14.78 15.38
C MET B 85 -0.18 15.40 16.51
N GLU B 86 0.52 15.83 17.57
CA GLU B 86 -0.14 16.50 18.69
C GLU B 86 0.69 17.68 19.20
N TYR B 87 0.01 18.63 19.81
CA TYR B 87 0.63 19.88 20.26
C TYR B 87 0.85 19.89 21.77
N SER B 88 2.12 19.84 22.18
CA SER B 88 2.47 19.86 23.58
C SER B 88 3.68 20.77 23.83
N LEU B 89 3.90 21.15 25.08
CA LEU B 89 5.02 22.02 25.40
C LEU B 89 6.18 21.22 25.98
N ASN B 90 7.39 21.60 25.60
CA ASN B 90 8.61 20.89 25.98
C ASN B 90 9.77 21.85 26.15
N GLN B 91 10.98 21.31 26.22
CA GLN B 91 12.20 22.10 26.41
C GLN B 91 12.35 23.19 25.36
N ILE B 92 12.95 24.31 25.77
CA ILE B 92 13.15 25.49 24.92
C ILE B 92 13.83 25.15 23.60
N ASP B 93 14.77 24.21 23.64
CA ASP B 93 15.50 23.79 22.45
C ASP B 93 14.82 22.63 21.73
N GLU B 94 13.61 22.28 22.19
CA GLU B 94 12.85 21.19 21.57
C GLU B 94 11.51 21.70 21.00
N PRO B 95 11.08 21.10 19.87
CA PRO B 95 9.88 21.52 19.13
C PRO B 95 8.57 21.32 19.91
N LEU B 96 7.52 22.05 19.51
CA LEU B 96 6.23 21.97 20.19
C LEU B 96 5.36 20.87 19.60
N TYR B 97 5.76 20.34 18.46
CA TYR B 97 4.99 19.31 17.78
C TYR B 97 5.56 17.92 18.04
N SER B 98 4.71 17.01 18.50
CA SER B 98 5.15 15.65 18.78
C SER B 98 4.24 14.62 18.12
N ILE B 99 4.58 13.35 18.30
CA ILE B 99 3.77 12.26 17.77
C ILE B 99 3.29 11.40 18.93
N SER B 100 2.05 10.91 18.84
CA SER B 100 1.51 10.01 19.85
C SER B 100 2.36 8.75 19.92
N GLN B 101 2.53 8.22 21.14
CA GLN B 101 3.38 7.04 21.34
C GLN B 101 2.87 5.83 20.57
N THR B 102 1.59 5.83 20.22
CA THR B 102 1.01 4.77 19.42
C THR B 102 1.59 4.76 18.01
N GLU B 103 1.78 5.95 17.45
CA GLU B 103 2.34 6.08 16.11
C GLU B 103 3.85 6.13 16.14
N SER B 104 4.40 6.29 17.35
CA SER B 104 5.85 6.39 17.52
C SER B 104 6.52 5.02 17.45
N ASP B 105 5.79 3.98 17.83
CA ASP B 105 6.32 2.62 17.80
C ASP B 105 6.31 2.04 16.38
N ALA B 106 5.46 2.60 15.52
CA ALA B 106 5.43 2.17 14.13
C ALA B 106 6.51 2.88 13.32
N MET B 107 6.97 4.02 13.83
CA MET B 107 7.96 4.84 13.15
C MET B 107 9.39 4.57 13.63
N ARG B 108 9.56 3.55 14.47
CA ARG B 108 10.85 3.19 15.04
C ARG B 108 11.98 3.13 14.01
N GLU B 109 11.71 2.53 12.86
CA GLU B 109 12.73 2.29 11.85
C GLU B 109 13.19 3.56 11.15
N GLU B 110 12.46 4.66 11.35
CA GLU B 110 12.81 5.94 10.74
C GLU B 110 14.11 6.49 11.33
N ASP B 111 14.75 7.40 10.60
CA ASP B 111 15.97 8.02 11.08
C ASP B 111 15.66 9.10 12.11
N ILE B 112 16.18 8.90 13.32
CA ILE B 112 15.91 9.82 14.43
C ILE B 112 17.22 10.23 15.09
N ILE B 113 17.42 11.53 15.24
CA ILE B 113 18.68 12.04 15.77
C ILE B 113 18.52 12.77 17.10
N SER B 114 19.63 13.23 17.65
CA SER B 114 19.63 13.97 18.90
C SER B 114 19.74 15.47 18.66
N ILE B 115 18.87 16.22 19.33
CA ILE B 115 18.82 17.67 19.18
C ILE B 115 19.69 18.39 20.20
N THR B 116 20.43 17.62 20.99
CA THR B 116 21.30 18.19 22.02
C THR B 116 22.30 19.17 21.41
N GLY B 117 22.31 20.39 21.93
CA GLY B 117 23.21 21.42 21.44
C GLY B 117 22.67 22.18 20.25
N HIS B 118 21.61 21.67 19.65
CA HIS B 118 21.01 22.30 18.47
C HIS B 118 20.14 23.48 18.86
N LYS B 119 20.11 24.50 17.99
CA LYS B 119 19.28 25.67 18.20
C LYS B 119 18.03 25.60 17.32
N ILE B 120 16.89 25.97 17.89
CA ILE B 120 15.63 25.94 17.16
C ILE B 120 14.97 27.31 17.08
N PHE B 121 14.67 27.74 15.85
CA PHE B 121 13.97 29.00 15.65
C PHE B 121 12.49 28.75 15.35
N ARG B 122 11.63 29.62 15.88
CA ARG B 122 10.19 29.47 15.72
C ARG B 122 9.60 30.54 14.82
N VAL B 123 8.67 30.12 13.96
CA VAL B 123 7.93 31.04 13.11
C VAL B 123 6.48 31.05 13.53
N ASN B 124 6.03 32.19 14.06
CA ASN B 124 4.65 32.33 14.51
C ASN B 124 3.78 32.90 13.40
N VAL B 125 2.88 32.07 12.88
CA VAL B 125 2.08 32.43 11.71
C VAL B 125 0.80 33.17 12.06
N PHE B 126 0.43 33.17 13.33
CA PHE B 126 -0.83 33.78 13.76
C PHE B 126 -0.61 34.98 14.68
N LYS B 127 -1.43 36.00 14.51
CA LYS B 127 -1.45 37.13 15.44
C LYS B 127 -2.38 36.80 16.61
N ASN B 128 -3.67 36.62 16.31
CA ASN B 128 -4.63 36.18 17.31
C ASN B 128 -4.96 34.70 17.15
N GLN B 129 -4.52 33.91 18.12
CA GLN B 129 -4.84 32.49 18.20
C GLN B 129 -6.11 32.29 19.01
N GLU B 130 -7.03 31.44 18.57
CA GLU B 130 -6.96 30.75 17.29
C GLU B 130 -7.60 31.60 16.18
N GLY B 131 -7.89 30.98 15.05
CA GLY B 131 -8.46 31.72 13.93
C GLY B 131 -7.48 32.61 13.18
N GLN B 132 -7.81 33.90 13.13
CA GLN B 132 -7.17 34.85 12.20
C GLN B 132 -5.65 34.77 12.13
N PRO B 133 -5.11 34.68 10.91
CA PRO B 133 -3.67 34.65 10.64
C PRO B 133 -3.03 36.03 10.80
N GLN B 134 -1.71 36.11 10.62
CA GLN B 134 -1.02 37.40 10.72
C GLN B 134 -0.68 37.94 9.33
N ASN B 135 -0.09 39.12 9.28
CA ASN B 135 0.24 39.77 8.01
C ASN B 135 1.59 39.33 7.46
N LEU B 136 1.69 39.24 6.15
CA LEU B 136 2.89 38.77 5.46
C LEU B 136 4.18 39.44 5.89
N GLU B 137 4.16 40.77 6.00
CA GLU B 137 5.34 41.56 6.31
C GLU B 137 6.09 41.08 7.54
N ASN B 138 5.36 40.89 8.64
CA ASN B 138 5.93 40.43 9.90
C ASN B 138 6.56 39.04 9.80
N ILE B 139 5.83 38.11 9.19
CA ILE B 139 6.32 36.75 8.96
C ILE B 139 7.61 36.79 8.15
N HIS B 140 7.63 37.63 7.12
CA HIS B 140 8.81 37.80 6.28
C HIS B 140 9.97 38.38 7.08
N GLN B 141 9.66 39.23 8.06
CA GLN B 141 10.67 39.77 8.95
C GLN B 141 11.30 38.64 9.76
N GLN B 142 10.45 37.80 10.36
CA GLN B 142 10.92 36.65 11.12
C GLN B 142 11.82 35.75 10.26
N ILE B 143 11.35 35.45 9.05
CA ILE B 143 12.11 34.63 8.12
C ILE B 143 13.46 35.27 7.82
N ASP B 144 13.46 36.59 7.64
CA ASP B 144 14.68 37.32 7.32
C ASP B 144 15.70 37.23 8.46
N LYS B 145 15.27 37.48 9.69
CA LYS B 145 16.19 37.42 10.83
C LYS B 145 16.69 36.00 11.04
N ILE B 146 15.84 35.01 10.78
CA ILE B 146 16.25 33.61 10.86
C ILE B 146 17.35 33.32 9.83
N ILE B 147 17.13 33.77 8.60
CA ILE B 147 18.11 33.59 7.53
C ILE B 147 19.44 34.25 7.89
N GLU B 148 19.37 35.45 8.44
CA GLU B 148 20.58 36.14 8.89
C GLU B 148 21.31 35.36 9.97
N GLU B 149 20.54 34.73 10.86
CA GLU B 149 21.11 33.85 11.88
C GLU B 149 21.86 32.68 11.23
N ILE B 150 21.23 32.09 10.21
CA ILE B 150 21.85 31.00 9.47
C ILE B 150 23.17 31.45 8.85
N LYS B 151 23.15 32.61 8.21
CA LYS B 151 24.33 33.15 7.54
C LYS B 151 25.47 33.43 8.51
N THR B 152 25.16 34.09 9.62
CA THR B 152 26.20 34.43 10.59
C THR B 152 26.75 33.17 11.26
N ALA B 153 25.90 32.15 11.38
CA ALA B 153 26.35 30.85 11.89
C ALA B 153 27.35 30.24 10.91
N LYS B 154 26.97 30.21 9.64
CA LYS B 154 27.84 29.68 8.59
C LYS B 154 29.18 30.41 8.58
N ASN B 155 29.13 31.74 8.72
CA ASN B 155 30.35 32.54 8.76
C ASN B 155 31.22 32.19 9.96
N LYS B 156 30.60 32.02 11.11
CA LYS B 156 31.35 31.68 12.31
C LYS B 156 31.97 30.29 12.19
N LEU B 157 31.37 29.45 11.36
CA LEU B 157 31.95 28.13 11.10
C LEU B 157 33.09 28.19 10.08
N ILE B 158 32.94 28.99 9.03
CA ILE B 158 33.95 29.05 7.97
C ILE B 158 35.19 29.83 8.42
N GLU B 159 35.02 30.77 9.35
CA GLU B 159 36.17 31.51 9.85
C GLU B 159 36.97 30.66 10.83
N ALA B 160 36.30 29.66 11.40
CA ALA B 160 36.97 28.71 12.29
C ALA B 160 37.45 27.50 11.49
N SER B 161 37.19 27.53 10.19
CA SER B 161 37.59 26.48 9.26
C SER B 161 37.00 25.11 9.63
N THR B 162 35.87 25.13 10.34
CA THR B 162 35.19 23.90 10.71
C THR B 162 34.13 23.52 9.68
N PHE B 163 33.89 24.41 8.72
CA PHE B 163 32.83 24.21 7.74
C PHE B 163 33.31 23.44 6.51
N LYS B 164 32.52 22.45 6.12
CA LYS B 164 32.78 21.68 4.91
C LYS B 164 31.57 21.75 3.98
N GLU B 165 31.80 22.20 2.75
CA GLU B 165 30.70 22.43 1.81
C GLU B 165 30.01 21.14 1.39
N TRP B 166 28.77 21.28 0.94
CA TRP B 166 27.91 20.14 0.63
C TRP B 166 28.08 19.65 -0.81
N ASN B 167 28.38 18.36 -0.96
CA ASN B 167 28.47 17.75 -2.29
C ASN B 167 27.76 16.40 -2.32
N ILE B 168 26.77 16.28 -3.19
CA ILE B 168 25.96 15.07 -3.32
C ILE B 168 26.78 13.85 -3.73
N GLU B 169 27.60 14.02 -4.75
CA GLU B 169 28.32 12.91 -5.37
C GLU B 169 29.33 12.26 -4.43
N THR B 170 30.05 13.09 -3.66
CA THR B 170 31.16 12.59 -2.84
C THR B 170 30.77 12.18 -1.42
N GLU B 171 29.55 12.50 -1.00
CA GLU B 171 29.18 12.32 0.40
C GLU B 171 28.86 10.86 0.75
N TYR B 172 28.41 10.10 -0.23
CA TYR B 172 28.09 8.70 -0.02
C TYR B 172 29.25 7.78 -0.41
N ASN B 173 30.32 8.37 -0.91
CA ASN B 173 31.50 7.60 -1.33
C ASN B 173 32.50 7.45 -0.19
N PRO B 174 32.79 6.20 0.21
CA PRO B 174 33.73 5.87 1.29
C PRO B 174 35.12 6.46 1.08
N GLN B 175 35.56 6.51 -0.17
CA GLN B 175 36.91 6.98 -0.51
C GLN B 175 37.17 8.39 0.01
N THR B 176 36.14 9.22 0.01
CA THR B 176 36.25 10.59 0.48
C THR B 176 36.50 10.64 1.99
N TYR B 177 35.89 9.71 2.72
CA TYR B 177 36.09 9.63 4.16
C TYR B 177 37.42 8.95 4.49
N ILE B 178 37.91 8.13 3.56
CA ILE B 178 39.23 7.54 3.71
C ILE B 178 40.29 8.63 3.51
N ASP B 179 40.00 9.56 2.61
CA ASP B 179 40.89 10.69 2.36
C ASP B 179 40.84 11.71 3.49
N LEU B 180 39.64 11.94 4.02
CA LEU B 180 39.47 12.84 5.16
C LEU B 180 40.10 12.22 6.40
N GLY B 181 39.96 10.90 6.52
CA GLY B 181 40.62 10.16 7.59
C GLY B 181 39.80 10.01 8.86
N ARG B 182 38.85 10.90 9.06
CA ARG B 182 38.03 10.84 10.27
C ARG B 182 36.53 10.90 9.98
N ILE B 183 35.79 10.05 10.69
CA ILE B 183 34.34 10.05 10.66
C ILE B 183 33.83 10.64 11.97
N SER B 184 33.06 11.71 11.86
CA SER B 184 32.60 12.46 13.03
C SER B 184 31.10 12.67 13.03
N LEU B 185 30.57 13.02 14.19
CA LEU B 185 29.14 13.31 14.33
C LEU B 185 28.79 14.68 13.75
N ALA B 186 29.75 15.59 13.80
CA ALA B 186 29.54 16.95 13.30
C ALA B 186 29.39 16.97 11.78
N ASP B 187 29.94 15.95 11.13
CA ASP B 187 29.86 15.86 9.67
C ASP B 187 28.55 15.23 9.22
N ASN B 188 27.80 14.67 10.18
CA ASN B 188 26.54 13.98 9.90
C ASN B 188 26.72 12.91 8.84
N VAL B 189 27.47 11.87 9.18
CA VAL B 189 27.87 10.85 8.22
C VAL B 189 26.89 9.68 8.14
N VAL B 190 26.37 9.43 6.94
CA VAL B 190 25.49 8.30 6.68
C VAL B 190 25.91 7.62 5.38
N LEU B 191 25.99 6.29 5.39
CA LEU B 191 26.35 5.54 4.21
C LEU B 191 25.22 4.64 3.75
N LYS B 192 25.21 4.29 2.47
CA LYS B 192 24.06 3.60 1.88
C LYS B 192 23.97 2.12 2.27
N THR B 193 25.10 1.50 2.59
CA THR B 193 25.07 0.08 2.94
C THR B 193 26.23 -0.35 3.85
N THR B 194 26.22 -1.62 4.23
CA THR B 194 27.20 -2.16 5.16
C THR B 194 28.57 -2.36 4.54
N LYS B 195 28.58 -2.73 3.26
CA LYS B 195 29.83 -2.97 2.56
C LYS B 195 30.70 -1.72 2.53
N ASP B 196 30.06 -0.55 2.44
CA ASP B 196 30.79 0.70 2.35
C ASP B 196 31.48 1.06 3.67
N VAL B 197 30.72 1.05 4.76
CA VAL B 197 31.27 1.36 6.07
C VAL B 197 32.33 0.31 6.44
N CYS B 198 32.11 -0.93 6.03
CA CYS B 198 33.11 -1.97 6.22
C CYS B 198 34.38 -1.63 5.43
N ASN B 199 34.22 -1.14 4.21
CA ASN B 199 35.36 -0.79 3.37
C ASN B 199 36.08 0.46 3.83
N CYS B 200 35.42 1.27 4.64
CA CYS B 200 36.03 2.49 5.18
C CYS B 200 37.18 2.16 6.12
N PHE B 201 37.05 1.04 6.82
CA PHE B 201 38.03 0.61 7.81
C PHE B 201 39.05 -0.35 7.22
N GLY B 202 39.00 -0.54 5.90
CA GLY B 202 39.98 -1.35 5.22
C GLY B 202 39.54 -2.70 4.66
N TYR B 203 38.25 -3.01 4.75
CA TYR B 203 37.75 -4.25 4.17
C TYR B 203 37.61 -4.17 2.65
N SER B 204 37.75 -5.33 2.00
CA SER B 204 37.56 -5.45 0.55
C SER B 204 36.17 -5.97 0.19
N TYR B 205 35.32 -6.15 1.21
CA TYR B 205 34.02 -6.80 1.06
C TYR B 205 33.15 -6.29 -0.08
N LYS B 206 32.66 -7.21 -0.90
CA LYS B 206 31.71 -6.89 -1.96
C LYS B 206 30.30 -6.77 -1.37
N ASN B 207 29.98 -7.67 -0.45
CA ASN B 207 28.72 -7.64 0.29
C ASN B 207 28.90 -8.21 1.69
N TYR B 208 28.19 -7.64 2.67
CA TYR B 208 28.24 -8.16 4.03
C TYR B 208 26.85 -8.29 4.65
N GLN B 209 26.45 -9.52 4.92
CA GLN B 209 25.11 -9.79 5.45
C GLN B 209 25.06 -9.87 6.98
N ARG B 210 26.22 -9.92 7.62
CA ARG B 210 26.27 -10.09 9.07
C ARG B 210 26.14 -8.75 9.81
N GLY B 211 25.52 -8.79 10.98
CA GLY B 211 25.31 -7.60 11.78
C GLY B 211 26.60 -7.01 12.33
N GLY B 212 27.45 -7.85 12.91
CA GLY B 212 28.73 -7.40 13.43
C GLY B 212 29.86 -7.59 12.45
N ALA B 213 30.91 -6.78 12.58
CA ALA B 213 32.10 -6.89 11.74
C ALA B 213 33.36 -6.61 12.55
N LEU B 214 34.36 -7.48 12.41
CA LEU B 214 35.61 -7.33 13.16
C LEU B 214 36.50 -6.24 12.56
N HIS B 215 37.01 -5.37 13.42
CA HIS B 215 37.91 -4.30 12.99
C HIS B 215 39.27 -4.89 12.65
N PRO B 216 39.70 -4.73 11.39
CA PRO B 216 40.97 -5.27 10.90
C PRO B 216 42.20 -4.74 11.64
N TYR B 217 42.25 -3.42 11.87
CA TYR B 217 43.45 -2.81 12.44
C TYR B 217 43.41 -2.66 13.96
N LYS B 218 42.28 -2.96 14.57
CA LYS B 218 42.15 -2.90 16.03
C LYS B 218 41.40 -4.11 16.57
N LYS B 219 42.05 -4.87 17.44
CA LYS B 219 41.46 -6.10 17.97
C LYS B 219 40.49 -5.84 19.13
N ASP B 220 40.60 -4.65 19.72
CA ASP B 220 39.76 -4.31 20.88
C ASP B 220 38.49 -3.58 20.49
N THR B 221 38.34 -3.29 19.20
CA THR B 221 37.17 -2.57 18.72
C THR B 221 36.32 -3.42 17.78
N LEU B 222 35.02 -3.17 17.78
CA LEU B 222 34.09 -3.92 16.94
C LEU B 222 33.19 -2.98 16.14
N ILE B 223 33.16 -3.19 14.82
CA ILE B 223 32.24 -2.46 13.95
C ILE B 223 30.84 -3.04 14.14
N TRP B 224 29.90 -2.21 14.54
CA TRP B 224 28.56 -2.70 14.87
C TRP B 224 27.48 -2.03 14.03
N PHE B 225 26.52 -2.83 13.57
CA PHE B 225 25.39 -2.31 12.79
C PHE B 225 24.06 -2.69 13.44
N PRO B 226 23.79 -2.16 14.64
CA PRO B 226 22.58 -2.53 15.38
C PRO B 226 21.33 -1.79 14.92
N ARG B 227 20.17 -2.39 15.20
CA ARG B 227 18.91 -1.67 15.14
C ARG B 227 18.63 -1.12 16.53
N LEU B 228 18.48 0.20 16.62
CA LEU B 228 18.38 0.86 17.91
C LEU B 228 16.96 0.83 18.44
N TYR B 229 16.09 0.14 17.70
CA TYR B 229 14.72 -0.09 18.10
C TYR B 229 14.51 -1.58 18.37
N GLU B 230 13.29 -1.97 18.71
CA GLU B 230 12.98 -3.36 18.97
C GLU B 230 12.59 -4.10 17.69
N ASN B 231 13.29 -5.20 17.42
CA ASN B 231 12.95 -6.07 16.30
C ASN B 231 12.81 -7.51 16.76
N LYS B 232 12.66 -8.41 15.80
CA LYS B 232 12.35 -9.82 16.08
C LYS B 232 13.32 -10.50 17.06
N ASP B 233 14.61 -10.45 16.77
CA ASP B 233 15.59 -11.19 17.56
C ASP B 233 15.97 -10.52 18.90
N TRP B 234 16.26 -9.23 18.88
CA TRP B 234 16.70 -8.58 20.12
C TRP B 234 16.14 -7.17 20.32
N ILE B 235 16.20 -6.69 21.56
CA ILE B 235 15.66 -5.38 21.91
C ILE B 235 16.76 -4.40 22.33
N ASN B 236 16.95 -3.36 21.54
CA ASN B 236 17.97 -2.35 21.84
C ASN B 236 17.34 -0.96 21.97
N THR B 237 17.91 -0.13 22.84
CA THR B 237 17.43 1.23 23.04
C THR B 237 18.57 2.23 23.07
N ILE B 238 18.25 3.50 22.84
CA ILE B 238 19.25 4.56 22.90
C ILE B 238 18.68 5.81 23.59
N SER B 239 19.48 6.39 24.49
CA SER B 239 19.09 7.59 25.21
C SER B 239 18.98 8.79 24.25
N PRO B 240 18.05 9.72 24.54
CA PRO B 240 17.83 10.91 23.72
C PRO B 240 19.09 11.75 23.50
N ASP B 241 20.05 11.68 24.43
CA ASP B 241 21.30 12.41 24.27
C ASP B 241 22.30 11.62 23.43
N GLY B 242 22.03 10.33 23.25
CA GLY B 242 22.89 9.47 22.46
C GLY B 242 24.12 9.00 23.22
N LEU B 243 24.16 9.27 24.52
CA LEU B 243 25.29 8.90 25.36
C LEU B 243 25.26 7.43 25.77
N THR B 244 24.06 6.89 25.97
CA THR B 244 23.91 5.54 26.47
C THR B 244 23.08 4.65 25.54
N ILE B 245 23.61 3.47 25.22
CA ILE B 245 22.89 2.50 24.42
C ILE B 245 22.74 1.19 25.18
N THR B 246 21.50 0.71 25.33
CA THR B 246 21.24 -0.53 26.04
C THR B 246 20.93 -1.66 25.06
N GLU B 247 21.53 -2.82 25.29
CA GLU B 247 21.35 -3.97 24.41
C GLU B 247 20.85 -5.21 25.16
N LYS B 248 19.70 -5.72 24.71
CA LYS B 248 19.13 -6.95 25.27
C LYS B 248 18.71 -7.85 24.11
N SER B 249 18.21 -9.04 24.44
CA SER B 249 17.62 -9.92 23.42
C SER B 249 16.24 -10.40 23.87
N THR B 250 15.44 -10.85 22.92
CA THR B 250 14.09 -11.32 23.22
C THR B 250 14.12 -12.55 24.11
N ASP B 251 15.06 -13.44 23.86
CA ASP B 251 15.25 -14.62 24.71
C ASP B 251 16.32 -14.34 25.76
N GLU B 252 16.02 -14.68 27.01
CA GLU B 252 16.94 -14.41 28.10
C GLU B 252 18.13 -15.36 28.11
N THR B 253 17.95 -16.55 27.53
CA THR B 253 19.02 -17.53 27.49
C THR B 253 20.22 -17.01 26.70
N ILE B 254 19.95 -16.45 25.53
CA ILE B 254 21.02 -15.92 24.69
C ILE B 254 21.64 -14.68 25.33
N THR B 255 20.87 -13.96 26.14
CA THR B 255 21.41 -12.84 26.89
C THR B 255 22.41 -13.34 27.91
N LEU B 256 22.04 -14.42 28.59
CA LEU B 256 22.90 -15.01 29.61
C LEU B 256 24.18 -15.59 29.00
N LYS B 257 24.07 -16.19 27.82
CA LYS B 257 25.24 -16.75 27.16
C LYS B 257 26.10 -15.67 26.51
N LYS B 258 25.47 -14.53 26.19
CA LYS B 258 26.18 -13.41 25.56
C LYS B 258 26.73 -12.46 26.62
N LEU B 259 26.38 -12.71 27.87
CA LEU B 259 26.82 -11.85 28.97
C LEU B 259 28.34 -11.94 29.16
N GLU B 260 28.84 -13.17 29.27
CA GLU B 260 30.28 -13.40 29.40
C GLU B 260 31.01 -12.93 28.14
N GLU B 261 30.38 -13.16 26.99
CA GLU B 261 30.91 -12.72 25.70
C GLU B 261 31.07 -11.21 25.70
N TRP B 262 30.15 -10.52 26.36
CA TRP B 262 30.22 -9.08 26.51
C TRP B 262 31.31 -8.70 27.51
N LYS B 263 31.52 -9.56 28.49
CA LYS B 263 32.46 -9.26 29.57
C LYS B 263 33.93 -9.37 29.16
N ASN B 264 34.27 -10.38 28.35
CA ASN B 264 35.67 -10.59 27.97
C ASN B 264 36.14 -9.65 26.86
N GLY B 265 35.22 -9.25 26.00
CA GLY B 265 35.53 -8.27 24.97
C GLY B 265 34.72 -8.48 23.70
N PRO B 266 35.00 -7.69 22.64
CA PRO B 266 35.84 -6.48 22.66
C PRO B 266 35.17 -5.34 23.41
N GLN B 267 35.96 -4.63 24.22
CA GLN B 267 35.40 -3.64 25.14
C GLN B 267 34.97 -2.34 24.46
N LYS B 268 35.30 -2.18 23.20
CA LYS B 268 34.92 -0.98 22.46
C LYS B 268 34.15 -1.31 21.19
N ARG B 269 33.12 -0.52 20.89
CA ARG B 269 32.34 -0.71 19.69
C ARG B 269 32.06 0.60 18.96
N ILE B 270 32.36 0.63 17.67
CA ILE B 270 32.02 1.78 16.84
C ILE B 270 30.66 1.51 16.20
N VAL B 271 29.73 2.43 16.40
CA VAL B 271 28.33 2.16 16.08
C VAL B 271 27.82 2.87 14.82
N PHE B 272 27.36 2.07 13.87
CA PHE B 272 26.61 2.57 12.72
C PHE B 272 25.18 2.06 12.79
N ALA B 273 24.23 2.97 13.06
CA ALA B 273 22.84 2.58 13.27
C ALA B 273 22.08 2.45 11.96
N ARG B 274 21.28 1.39 11.86
CA ARG B 274 20.47 1.18 10.65
C ARG B 274 19.24 2.07 10.68
N VAL B 275 19.12 2.93 9.68
CA VAL B 275 18.01 3.88 9.60
C VAL B 275 17.44 3.96 8.19
N LYS B 276 16.15 4.24 8.10
CA LYS B 276 15.49 4.45 6.82
C LYS B 276 15.80 5.84 6.28
N ASP B 277 16.17 5.92 5.01
CA ASP B 277 16.45 7.21 4.38
C ASP B 277 15.18 8.05 4.30
N ASN B 278 15.31 9.35 4.50
CA ASN B 278 14.16 10.24 4.48
C ASN B 278 13.52 10.31 3.10
N LEU B 279 14.32 10.00 2.07
CA LEU B 279 13.81 9.90 0.71
C LEU B 279 14.02 8.48 0.19
N SER B 280 13.03 7.97 -0.53
CA SER B 280 13.08 6.66 -1.20
C SER B 280 13.11 5.45 -0.25
N SER B 281 13.33 5.70 1.04
CA SER B 281 13.14 4.68 2.08
C SER B 281 13.86 3.34 1.89
N ARG B 282 15.13 3.38 1.46
CA ARG B 282 15.93 2.16 1.45
C ARG B 282 16.96 2.21 2.57
N ALA B 283 17.26 1.05 3.14
CA ALA B 283 18.07 0.93 4.35
C ALA B 283 19.43 1.59 4.23
N MET B 284 19.73 2.48 5.18
CA MET B 284 21.02 3.15 5.25
C MET B 284 21.55 3.09 6.67
N TYR B 285 22.82 3.44 6.85
CA TYR B 285 23.46 3.29 8.15
C TYR B 285 24.17 4.55 8.62
N ARG B 286 23.73 5.09 9.75
CA ARG B 286 24.27 6.33 10.31
C ARG B 286 25.22 6.06 11.47
N PHE B 287 26.34 6.78 11.48
CA PHE B 287 27.33 6.63 12.55
C PHE B 287 26.91 7.39 13.79
N MET B 288 26.64 6.66 14.88
CA MET B 288 26.20 7.29 16.12
C MET B 288 27.34 7.64 17.08
N GLY B 289 28.51 7.04 16.88
CA GLY B 289 29.65 7.33 17.73
C GLY B 289 30.56 6.15 18.02
N LEU B 290 31.50 6.38 18.93
CA LEU B 290 32.37 5.35 19.46
C LEU B 290 32.05 5.13 20.93
N TYR B 291 31.49 3.95 21.22
CA TYR B 291 30.96 3.62 22.54
C TYR B 291 31.82 2.57 23.24
N GLU B 292 31.85 2.62 24.57
CA GLU B 292 32.62 1.67 25.36
C GLU B 292 31.72 0.85 26.29
N PHE B 293 32.11 -0.40 26.54
CA PHE B 293 31.32 -1.30 27.39
C PHE B 293 31.38 -0.89 28.86
N GLN B 294 30.21 -0.76 29.48
CA GLN B 294 30.11 -0.34 30.88
C GLN B 294 29.69 -1.49 31.80
N LYS B 295 28.49 -2.01 31.57
CA LYS B 295 27.84 -2.90 32.51
C LYS B 295 27.29 -4.17 31.86
N ALA B 296 27.27 -5.27 32.61
CA ALA B 296 26.61 -6.50 32.18
C ALA B 296 25.57 -6.92 33.21
N ASP B 297 24.35 -7.19 32.75
CA ASP B 297 23.22 -7.46 33.64
C ASP B 297 21.96 -7.84 32.86
N LEU B 298 20.97 -8.40 33.55
CA LEU B 298 19.69 -8.75 32.95
C LEU B 298 18.86 -7.48 32.78
N LYS B 299 17.58 -7.64 32.42
CA LYS B 299 16.70 -6.49 32.19
C LYS B 299 17.31 -5.62 31.09
N ASP B 300 17.74 -4.41 31.45
CA ASP B 300 18.27 -3.44 30.51
C ASP B 300 19.45 -3.95 29.68
N GLY B 301 20.02 -5.10 30.08
CA GLY B 301 21.05 -5.74 29.28
C GLY B 301 22.41 -5.10 29.42
N ALA B 302 23.21 -5.19 28.37
CA ALA B 302 24.52 -4.55 28.37
C ALA B 302 24.40 -3.05 28.15
N VAL B 303 25.19 -2.27 28.86
CA VAL B 303 25.15 -0.82 28.76
C VAL B 303 26.42 -0.26 28.13
N TRP B 304 26.26 0.47 27.04
CA TRP B 304 27.39 1.07 26.35
C TRP B 304 27.35 2.59 26.48
N LYS B 305 28.46 3.17 26.92
CA LYS B 305 28.57 4.61 27.06
C LYS B 305 29.46 5.15 25.95
N ARG B 306 29.19 6.38 25.50
CA ARG B 306 29.91 6.92 24.35
C ARG B 306 31.15 7.67 24.80
N VAL B 307 32.31 7.08 24.51
CA VAL B 307 33.58 7.69 24.88
C VAL B 307 34.04 8.73 23.85
N LYS B 308 33.87 8.42 22.56
CA LYS B 308 34.40 9.32 21.53
C LYS B 308 33.38 9.64 20.44
N SER B 309 33.43 10.87 19.95
CA SER B 309 32.53 11.31 18.89
C SER B 309 33.16 11.25 17.51
N GLU B 310 34.44 10.87 17.45
CA GLU B 310 35.17 10.78 16.18
C GLU B 310 35.98 9.50 16.10
N VAL B 311 36.07 8.92 14.90
CA VAL B 311 36.87 7.71 14.69
C VAL B 311 37.77 7.86 13.48
N GLN B 312 38.98 7.29 13.55
CA GLN B 312 39.92 7.37 12.44
C GLN B 312 39.70 6.21 11.46
N THR B 313 39.84 6.51 10.17
CA THR B 313 39.63 5.49 9.13
C THR B 313 40.95 4.91 8.64
N TYR B 314 40.87 3.96 7.73
CA TYR B 314 42.06 3.28 7.22
C TYR B 314 41.91 2.87 5.75
N SER B 315 43.04 2.70 5.07
CA SER B 315 43.04 2.25 3.68
C SER B 315 42.74 0.75 3.63
N PRO B 316 42.22 0.27 2.49
CA PRO B 316 41.93 -1.15 2.28
C PRO B 316 43.13 -2.05 2.60
N LYS B 317 42.88 -3.17 3.27
CA LYS B 317 43.95 -4.05 3.70
C LYS B 317 44.18 -5.20 2.72
N GLU B 318 45.44 -5.52 2.49
CA GLU B 318 45.81 -6.61 1.58
C GLU B 318 47.19 -7.14 1.90
N LYS C 4 -26.33 -16.37 -13.73
CA LYS C 4 -25.30 -15.36 -13.53
C LYS C 4 -25.09 -15.06 -12.06
N ALA C 5 -23.99 -14.38 -11.76
CA ALA C 5 -23.68 -13.89 -10.42
C ALA C 5 -23.63 -15.00 -9.36
N SER C 6 -23.36 -16.23 -9.80
CA SER C 6 -23.16 -17.34 -8.89
C SER C 6 -21.67 -17.44 -8.57
N SER C 7 -20.90 -16.57 -9.20
CA SER C 7 -19.45 -16.54 -9.02
C SER C 7 -19.08 -15.84 -7.72
N ASP C 8 -19.99 -15.06 -7.17
CA ASP C 8 -19.74 -14.32 -5.93
C ASP C 8 -19.51 -15.27 -4.77
N LEU C 9 -20.25 -16.37 -4.75
CA LEU C 9 -20.07 -17.39 -3.72
C LEU C 9 -18.67 -17.98 -3.82
N THR C 10 -18.26 -18.28 -5.05
CA THR C 10 -16.94 -18.84 -5.31
C THR C 10 -15.85 -17.88 -4.84
N ASP C 11 -15.96 -16.62 -5.23
CA ASP C 11 -14.99 -15.60 -4.85
C ASP C 11 -14.90 -15.47 -3.34
N TYR C 12 -16.05 -15.40 -2.68
CA TYR C 12 -16.09 -15.29 -1.22
C TYR C 12 -15.40 -16.47 -0.57
N VAL C 13 -15.80 -17.68 -0.95
CA VAL C 13 -15.22 -18.89 -0.37
C VAL C 13 -13.71 -18.97 -0.58
N ILE C 14 -13.26 -18.73 -1.82
CA ILE C 14 -11.84 -18.79 -2.14
C ILE C 14 -11.04 -17.76 -1.34
N ARG C 15 -11.54 -16.53 -1.27
CA ARG C 15 -10.85 -15.47 -0.56
C ARG C 15 -10.83 -15.69 0.95
N GLN C 16 -11.88 -16.31 1.48
CA GLN C 16 -11.97 -16.60 2.90
C GLN C 16 -11.00 -17.72 3.28
N LEU C 17 -10.83 -18.68 2.39
CA LEU C 17 -9.91 -19.79 2.61
C LEU C 17 -8.54 -19.48 2.03
N GLY C 18 -8.41 -18.31 1.43
CA GLY C 18 -7.17 -17.92 0.78
C GLY C 18 -6.38 -16.85 1.51
N ARG C 19 -6.77 -16.56 2.75
CA ARG C 19 -6.08 -15.55 3.55
C ARG C 19 -4.67 -15.98 3.88
N THR C 20 -3.80 -15.01 4.15
CA THR C 20 -2.45 -15.30 4.61
C THR C 20 -2.52 -16.02 5.94
N LYS C 21 -1.88 -17.19 6.03
CA LYS C 21 -2.03 -18.06 7.19
C LYS C 21 -1.35 -17.50 8.44
N ASN C 22 -2.14 -17.38 9.51
CA ASN C 22 -1.61 -17.00 10.81
C ASN C 22 -1.00 -18.18 11.54
N LYS C 23 -1.51 -19.37 11.27
CA LYS C 23 -1.05 -20.57 11.95
C LYS C 23 -0.67 -21.64 10.93
N ARG C 24 0.14 -22.60 11.38
CA ARG C 24 0.66 -23.64 10.50
C ARG C 24 -0.42 -24.66 10.12
N TYR C 25 -1.17 -25.12 11.12
CA TYR C 25 -2.17 -26.16 10.91
C TYR C 25 -3.58 -25.63 10.68
N GLU C 26 -3.73 -24.30 10.63
CA GLU C 26 -5.03 -23.67 10.46
C GLU C 26 -5.72 -24.09 9.16
N ALA C 27 -4.99 -23.96 8.05
CA ALA C 27 -5.55 -24.18 6.72
C ALA C 27 -6.16 -25.57 6.56
N TYR C 28 -5.44 -26.59 6.99
CA TYR C 28 -5.90 -27.97 6.86
C TYR C 28 -7.21 -28.19 7.58
N VAL C 29 -7.26 -27.80 8.85
CA VAL C 29 -8.45 -27.99 9.67
C VAL C 29 -9.64 -27.21 9.12
N VAL C 30 -9.43 -25.93 8.84
CA VAL C 30 -10.50 -25.09 8.30
C VAL C 30 -11.07 -25.64 7.00
N SER C 31 -10.18 -25.92 6.05
CA SER C 31 -10.60 -26.45 4.76
C SER C 31 -11.32 -27.78 4.88
N ARG C 32 -10.83 -28.65 5.77
CA ARG C 32 -11.46 -29.94 5.97
C ARG C 32 -12.86 -29.79 6.56
N ILE C 33 -13.00 -28.86 7.50
CA ILE C 33 -14.30 -28.59 8.10
C ILE C 33 -15.29 -28.08 7.05
N ILE C 34 -14.86 -27.10 6.27
CA ILE C 34 -15.70 -26.53 5.22
C ILE C 34 -16.13 -27.58 4.20
N HIS C 35 -15.18 -28.35 3.70
CA HIS C 35 -15.46 -29.34 2.67
C HIS C 35 -16.31 -30.51 3.17
N LEU C 36 -16.01 -30.99 4.38
CA LEU C 36 -16.77 -32.09 4.96
C LEU C 36 -18.18 -31.66 5.35
N LEU C 37 -18.33 -30.38 5.69
CA LEU C 37 -19.65 -29.85 5.99
C LEU C 37 -20.49 -29.84 4.72
N ASN C 38 -19.91 -29.28 3.66
CA ASN C 38 -20.53 -29.23 2.33
C ASN C 38 -21.90 -28.55 2.36
N ASP C 39 -22.09 -27.62 3.29
CA ASP C 39 -23.30 -26.82 3.33
C ASP C 39 -22.93 -25.35 3.19
N PHE C 40 -23.28 -24.77 2.05
CA PHE C 40 -22.94 -23.38 1.78
C PHE C 40 -24.09 -22.44 2.11
N THR C 41 -25.16 -23.00 2.68
CA THR C 41 -26.26 -22.19 3.21
C THR C 41 -25.84 -21.61 4.56
N LEU C 42 -24.71 -22.08 5.07
CA LEU C 42 -24.13 -21.57 6.31
C LEU C 42 -22.96 -20.64 6.01
N LYS C 43 -23.13 -19.36 6.35
CA LYS C 43 -22.06 -18.39 6.16
C LYS C 43 -20.94 -18.64 7.15
N PHE C 44 -19.70 -18.47 6.70
CA PHE C 44 -18.54 -18.67 7.56
C PHE C 44 -17.49 -17.60 7.34
N VAL C 45 -16.76 -17.27 8.40
CA VAL C 45 -15.71 -16.26 8.34
C VAL C 45 -14.41 -16.80 8.93
N THR C 46 -13.30 -16.56 8.24
CA THR C 46 -11.99 -16.99 8.73
C THR C 46 -11.20 -15.81 9.29
N GLN C 47 -10.42 -16.08 10.33
CA GLN C 47 -9.61 -15.07 11.02
C GLN C 47 -10.49 -13.91 11.49
N GLN C 48 -11.57 -14.23 12.19
CA GLN C 48 -12.49 -13.22 12.68
C GLN C 48 -11.98 -12.56 13.95
N PHE C 49 -11.91 -11.23 13.93
CA PHE C 49 -11.48 -10.46 15.10
C PHE C 49 -12.57 -10.43 16.16
N VAL C 50 -12.19 -10.75 17.40
CA VAL C 50 -13.12 -10.75 18.52
C VAL C 50 -12.57 -9.91 19.68
N ARG C 51 -13.46 -9.46 20.54
CA ARG C 51 -13.08 -8.60 21.67
C ARG C 51 -13.04 -9.39 22.98
N LEU C 52 -11.87 -9.50 23.57
CA LEU C 52 -11.68 -10.20 24.84
C LEU C 52 -12.24 -9.40 26.01
N SER C 53 -12.49 -10.08 27.13
CA SER C 53 -12.86 -9.42 28.38
C SER C 53 -11.72 -8.51 28.82
N ASN C 54 -10.50 -8.91 28.48
CA ASN C 54 -9.30 -8.14 28.81
C ASN C 54 -9.15 -6.87 27.96
N LYS C 55 -10.07 -6.69 27.02
CA LYS C 55 -10.15 -5.52 26.14
C LYS C 55 -9.12 -5.58 25.00
N LYS C 56 -8.25 -6.59 25.05
CA LYS C 56 -7.32 -6.83 23.95
C LYS C 56 -8.07 -7.45 22.76
N ILE C 57 -7.50 -7.31 21.58
CA ILE C 57 -8.12 -7.86 20.37
C ILE C 57 -7.59 -9.26 20.08
N ALA C 58 -8.51 -10.22 19.94
CA ALA C 58 -8.14 -11.59 19.63
C ALA C 58 -8.70 -12.00 18.28
N LEU C 59 -8.47 -13.24 17.88
CA LEU C 59 -8.99 -13.73 16.61
C LEU C 59 -9.30 -15.23 16.66
N THR C 60 -10.36 -15.62 15.97
CA THR C 60 -10.71 -17.04 15.86
C THR C 60 -10.59 -17.48 14.41
N ASP C 61 -10.06 -18.66 14.20
CA ASP C 61 -9.82 -19.17 12.87
C ASP C 61 -11.03 -19.45 12.03
N LEU C 62 -12.06 -19.99 12.62
CA LEU C 62 -13.30 -20.22 11.87
C LEU C 62 -14.50 -19.68 12.64
N TYR C 63 -15.40 -19.00 11.94
CA TYR C 63 -16.57 -18.43 12.60
C TYR C 63 -17.84 -18.58 11.78
N PHE C 64 -18.85 -19.19 12.39
CA PHE C 64 -20.19 -19.24 11.80
C PHE C 64 -21.09 -18.27 12.56
N PRO C 65 -21.42 -17.14 11.94
CA PRO C 65 -22.24 -16.07 12.53
C PRO C 65 -23.68 -16.50 12.79
N GLN C 66 -24.24 -17.27 11.88
CA GLN C 66 -25.63 -17.71 11.98
C GLN C 66 -25.83 -18.61 13.21
N LEU C 67 -24.89 -19.52 13.41
CA LEU C 67 -24.96 -20.44 14.54
C LEU C 67 -24.21 -19.92 15.75
N GLY C 68 -23.46 -18.83 15.57
CA GLY C 68 -22.68 -18.24 16.63
C GLY C 68 -21.64 -19.21 17.17
N ILE C 69 -20.93 -19.88 16.27
CA ILE C 69 -19.98 -20.90 16.67
C ILE C 69 -18.56 -20.62 16.17
N HIS C 70 -17.60 -20.66 17.07
CA HIS C 70 -16.20 -20.45 16.72
C HIS C 70 -15.38 -21.74 16.79
N ILE C 71 -14.40 -21.85 15.91
CA ILE C 71 -13.49 -22.99 15.89
C ILE C 71 -12.04 -22.51 15.82
N GLU C 72 -11.25 -22.91 16.81
CA GLU C 72 -9.87 -22.48 16.93
C GLU C 72 -8.92 -23.66 17.03
N VAL C 73 -7.83 -23.62 16.27
CA VAL C 73 -6.82 -24.67 16.37
C VAL C 73 -5.79 -24.27 17.41
N ASP C 74 -5.41 -25.21 18.26
CA ASP C 74 -4.43 -24.93 19.30
C ASP C 74 -3.08 -25.53 18.94
N GLU C 75 -2.15 -24.66 18.57
CA GLU C 75 -0.74 -25.01 18.55
C GLU C 75 -0.06 -24.09 19.55
N GLY C 76 0.35 -24.66 20.68
CA GLY C 76 0.81 -23.85 21.79
C GLY C 76 2.13 -23.18 21.52
N HIS C 77 2.28 -21.97 22.06
CA HIS C 77 3.59 -21.34 22.12
C HIS C 77 4.27 -21.13 20.77
N HIS C 78 5.39 -21.82 20.59
CA HIS C 78 6.47 -21.39 19.72
C HIS C 78 6.35 -21.49 18.19
N PHE C 79 5.41 -22.23 17.62
CA PHE C 79 5.46 -22.30 16.17
C PHE C 79 4.47 -21.35 15.51
N LEU C 80 5.03 -20.21 15.14
CA LEU C 80 4.51 -19.25 14.20
C LEU C 80 5.75 -18.46 13.83
N ARG C 81 5.80 -17.84 12.66
CA ARG C 81 7.00 -17.14 12.26
C ARG C 81 6.77 -15.65 12.02
N ASN C 82 7.40 -14.82 12.85
CA ASN C 82 7.46 -13.37 12.65
C ASN C 82 6.10 -12.70 12.51
N SER C 83 5.22 -12.92 13.49
CA SER C 83 3.88 -12.33 13.47
C SER C 83 3.56 -11.59 14.76
N LYS C 84 2.51 -10.76 14.72
CA LYS C 84 2.16 -9.89 15.83
C LYS C 84 1.37 -10.62 16.92
N MET C 85 1.00 -11.87 16.63
CA MET C 85 0.15 -12.63 17.54
C MET C 85 0.90 -13.10 18.79
N GLU C 86 0.14 -13.36 19.85
CA GLU C 86 0.70 -13.80 21.12
C GLU C 86 -0.17 -14.87 21.77
N TYR C 87 0.47 -15.73 22.57
CA TYR C 87 -0.20 -16.87 23.19
C TYR C 87 -0.47 -16.60 24.66
N SER C 88 -1.74 -16.45 25.02
CA SER C 88 -2.13 -16.17 26.40
C SER C 88 -3.37 -16.96 26.80
N LEU C 89 -3.60 -17.07 28.11
CA LEU C 89 -4.77 -17.78 28.61
C LEU C 89 -5.87 -16.81 29.01
N ASN C 90 -7.11 -17.17 28.68
CA ASN C 90 -8.27 -16.36 29.00
C ASN C 90 -9.44 -17.26 29.34
N GLN C 91 -10.64 -16.69 29.43
CA GLN C 91 -11.84 -17.47 29.70
C GLN C 91 -12.03 -18.56 28.65
N ILE C 92 -12.62 -19.67 29.08
CA ILE C 92 -12.85 -20.83 28.23
C ILE C 92 -13.66 -20.49 26.96
N ASP C 93 -14.54 -19.51 27.07
CA ASP C 93 -15.36 -19.10 25.94
C ASP C 93 -14.64 -18.05 25.09
N GLU C 94 -13.38 -17.78 25.44
CA GLU C 94 -12.56 -16.84 24.69
C GLU C 94 -11.31 -17.52 24.13
N PRO C 95 -10.85 -17.08 22.95
CA PRO C 95 -9.72 -17.71 22.25
C PRO C 95 -8.38 -17.59 22.97
N LEU C 96 -7.46 -18.49 22.66
CA LEU C 96 -6.15 -18.52 23.30
C LEU C 96 -5.14 -17.62 22.62
N TYR C 97 -5.46 -17.15 21.42
CA TYR C 97 -4.55 -16.30 20.66
C TYR C 97 -5.00 -14.86 20.66
N SER C 98 -4.11 -13.96 21.07
CA SER C 98 -4.45 -12.55 21.15
C SER C 98 -3.45 -11.69 20.40
N ILE C 99 -3.66 -10.39 20.43
CA ILE C 99 -2.73 -9.44 19.82
C ILE C 99 -2.27 -8.45 20.89
N SER C 100 -0.99 -8.07 20.84
CA SER C 100 -0.46 -7.08 21.77
C SER C 100 -1.22 -5.76 21.66
N GLN C 101 -1.37 -5.08 22.80
CA GLN C 101 -2.14 -3.84 22.87
C GLN C 101 -1.57 -2.77 21.93
N THR C 102 -0.27 -2.84 21.67
CA THR C 102 0.37 -1.89 20.75
C THR C 102 -0.13 -2.07 19.32
N GLU C 103 -0.29 -3.33 18.89
CA GLU C 103 -0.75 -3.62 17.54
C GLU C 103 -2.28 -3.63 17.49
N SER C 104 -2.91 -3.66 18.64
CA SER C 104 -4.37 -3.67 18.73
C SER C 104 -4.93 -2.27 18.50
N ASP C 105 -4.11 -1.27 18.79
CA ASP C 105 -4.53 0.13 18.61
C ASP C 105 -4.44 0.55 17.15
N ALA C 106 -3.64 -0.15 16.36
CA ALA C 106 -3.55 0.11 14.93
C ALA C 106 -4.67 -0.55 14.12
N MET C 107 -5.25 -1.60 14.69
CA MET C 107 -6.30 -2.37 14.01
C MET C 107 -7.70 -1.97 14.49
N ARG C 108 -7.78 -0.86 15.23
CA ARG C 108 -9.03 -0.40 15.83
C ARG C 108 -10.17 -0.30 14.82
N GLU C 109 -9.86 0.15 13.61
CA GLU C 109 -10.88 0.38 12.59
C GLU C 109 -11.48 -0.91 12.04
N GLU C 110 -10.81 -2.03 12.29
CA GLU C 110 -11.27 -3.32 11.81
C GLU C 110 -12.55 -3.76 12.49
N ASP C 111 -13.25 -4.71 11.87
CA ASP C 111 -14.51 -5.20 12.43
C ASP C 111 -14.23 -6.12 13.63
N ILE C 112 -14.77 -5.74 14.78
CA ILE C 112 -14.57 -6.49 16.02
C ILE C 112 -15.92 -6.73 16.69
N ILE C 113 -16.20 -7.98 17.03
CA ILE C 113 -17.51 -8.33 17.58
C ILE C 113 -17.42 -8.85 19.01
N SER C 114 -18.59 -9.13 19.59
CA SER C 114 -18.67 -9.66 20.94
C SER C 114 -18.91 -11.17 20.92
N ILE C 115 -18.13 -11.90 21.70
CA ILE C 115 -18.22 -13.35 21.72
C ILE C 115 -19.14 -13.86 22.83
N THR C 116 -19.76 -12.94 23.55
CA THR C 116 -20.65 -13.30 24.65
C THR C 116 -21.79 -14.22 24.17
N GLY C 117 -21.91 -15.38 24.81
CA GLY C 117 -22.93 -16.34 24.45
C GLY C 117 -22.48 -17.30 23.36
N HIS C 118 -21.40 -16.97 22.67
CA HIS C 118 -20.87 -17.81 21.60
C HIS C 118 -20.05 -18.96 22.17
N LYS C 119 -20.10 -20.11 21.49
CA LYS C 119 -19.37 -21.29 21.91
C LYS C 119 -18.12 -21.49 21.06
N ILE C 120 -17.01 -21.87 21.71
CA ILE C 120 -15.75 -22.05 21.00
C ILE C 120 -15.23 -23.47 21.15
N PHE C 121 -14.96 -24.12 20.02
CA PHE C 121 -14.37 -25.45 20.03
C PHE C 121 -12.89 -25.39 19.66
N ARG C 122 -12.09 -26.22 20.31
CA ARG C 122 -10.65 -26.22 20.06
C ARG C 122 -10.19 -27.54 19.45
N VAL C 123 -9.28 -27.44 18.48
CA VAL C 123 -8.67 -28.61 17.86
C VAL C 123 -7.20 -28.68 18.21
N ASN C 124 -6.82 -29.66 19.02
CA ASN C 124 -5.44 -29.76 19.47
C ASN C 124 -4.62 -30.64 18.53
N VAL C 125 -3.65 -30.02 17.86
CA VAL C 125 -2.89 -30.70 16.81
C VAL C 125 -1.62 -31.38 17.33
N PHE C 126 -1.26 -31.13 18.57
CA PHE C 126 0.00 -31.62 19.12
C PHE C 126 -0.20 -32.65 20.22
N LYS C 127 0.53 -33.76 20.16
CA LYS C 127 0.53 -34.73 21.25
C LYS C 127 1.08 -34.10 22.52
N ASN C 128 2.22 -33.43 22.36
CA ASN C 128 2.90 -32.78 23.48
C ASN C 128 3.60 -31.51 23.01
N GLN C 129 4.44 -30.96 23.88
CA GLN C 129 5.23 -29.78 23.58
C GLN C 129 6.26 -30.10 22.48
N GLU C 130 6.79 -29.03 21.86
CA GLU C 130 7.82 -29.05 20.82
C GLU C 130 7.20 -29.22 19.43
N GLY C 131 5.89 -29.47 19.41
CA GLY C 131 5.17 -29.47 18.15
C GLY C 131 5.27 -30.78 17.39
N GLN C 132 5.55 -31.85 18.12
CA GLN C 132 5.39 -33.18 17.56
C GLN C 132 3.93 -33.33 17.16
N PRO C 133 3.68 -33.54 15.86
CA PRO C 133 2.31 -33.65 15.36
C PRO C 133 1.58 -34.83 16.00
N GLN C 134 0.26 -34.82 15.91
CA GLN C 134 -0.55 -35.93 16.38
C GLN C 134 -1.12 -36.64 15.17
N ASN C 135 -1.29 -37.96 15.26
CA ASN C 135 -1.81 -38.74 14.15
C ASN C 135 -3.13 -38.19 13.63
N LEU C 136 -3.32 -38.26 12.31
CA LEU C 136 -4.48 -37.65 11.66
C LEU C 136 -5.81 -38.18 12.18
N GLU C 137 -5.82 -39.43 12.64
CA GLU C 137 -7.05 -40.09 13.09
C GLU C 137 -7.80 -39.27 14.13
N ASN C 138 -7.11 -38.91 15.22
CA ASN C 138 -7.74 -38.18 16.31
C ASN C 138 -8.16 -36.77 15.88
N ILE C 139 -7.35 -36.13 15.04
CA ILE C 139 -7.66 -34.80 14.55
C ILE C 139 -8.95 -34.83 13.75
N HIS C 140 -9.07 -35.84 12.89
CA HIS C 140 -10.28 -36.05 12.11
C HIS C 140 -11.46 -36.38 13.00
N GLN C 141 -11.19 -37.07 14.12
CA GLN C 141 -12.24 -37.33 15.09
C GLN C 141 -12.79 -36.01 15.65
N GLN C 142 -11.87 -35.15 16.09
CA GLN C 142 -12.24 -33.84 16.63
C GLN C 142 -13.03 -33.02 15.61
N ILE C 143 -12.51 -32.97 14.39
CA ILE C 143 -13.16 -32.24 13.31
C ILE C 143 -14.57 -32.78 13.06
N ASP C 144 -14.70 -34.11 13.05
CA ASP C 144 -15.99 -34.75 12.81
C ASP C 144 -17.01 -34.44 13.90
N LYS C 145 -16.60 -34.56 15.16
CA LYS C 145 -17.53 -34.30 16.27
C LYS C 145 -17.92 -32.82 16.30
N ILE C 146 -16.96 -31.95 15.96
CA ILE C 146 -17.26 -30.52 15.85
C ILE C 146 -18.32 -30.28 14.77
N ILE C 147 -18.11 -30.87 13.61
CA ILE C 147 -19.04 -30.76 12.49
C ILE C 147 -20.43 -31.24 12.89
N GLU C 148 -20.48 -32.39 13.56
CA GLU C 148 -21.75 -32.95 14.03
C GLU C 148 -22.44 -31.96 14.98
N GLU C 149 -21.66 -31.34 15.85
CA GLU C 149 -22.19 -30.33 16.76
C GLU C 149 -22.79 -29.17 16.00
N ILE C 150 -22.07 -28.73 14.96
CA ILE C 150 -22.53 -27.66 14.09
C ILE C 150 -23.87 -27.99 13.44
N LYS C 151 -23.95 -29.19 12.89
CA LYS C 151 -25.17 -29.66 12.23
C LYS C 151 -26.34 -29.71 13.21
N THR C 152 -26.09 -30.23 14.41
CA THR C 152 -27.13 -30.31 15.44
C THR C 152 -27.60 -28.91 15.83
N ALA C 153 -26.67 -27.96 15.85
CA ALA C 153 -27.02 -26.57 16.14
C ALA C 153 -27.92 -26.00 15.05
N LYS C 154 -27.52 -26.22 13.80
CA LYS C 154 -28.32 -25.77 12.66
C LYS C 154 -29.73 -26.36 12.70
N ASN C 155 -29.82 -27.64 13.02
CA ASN C 155 -31.11 -28.30 13.16
C ASN C 155 -31.93 -27.69 14.28
N LYS C 156 -31.27 -27.35 15.38
CA LYS C 156 -31.91 -26.71 16.51
C LYS C 156 -32.49 -25.35 16.11
N LEU C 157 -31.82 -24.69 15.17
CA LEU C 157 -32.30 -23.40 14.68
C LEU C 157 -33.43 -23.51 13.65
N ILE C 158 -33.33 -24.49 12.74
CA ILE C 158 -34.31 -24.60 11.66
C ILE C 158 -35.66 -25.12 12.14
N GLU C 159 -35.66 -25.87 13.23
CA GLU C 159 -36.90 -26.38 13.80
C GLU C 159 -37.59 -25.28 14.60
N ALA C 160 -36.81 -24.28 15.00
CA ALA C 160 -37.33 -23.13 15.73
C ALA C 160 -37.66 -22.01 14.75
N SER C 161 -37.39 -22.25 13.47
CA SER C 161 -37.69 -21.32 12.39
C SER C 161 -36.98 -19.98 12.55
N THR C 162 -35.88 -19.97 13.30
CA THR C 162 -35.08 -18.76 13.48
C THR C 162 -33.96 -18.71 12.43
N PHE C 163 -33.80 -19.82 11.71
CA PHE C 163 -32.74 -19.93 10.73
C PHE C 163 -33.13 -19.33 9.38
N LYS C 164 -32.28 -18.46 8.86
CA LYS C 164 -32.50 -17.88 7.54
C LYS C 164 -31.33 -18.22 6.63
N GLU C 165 -31.64 -18.74 5.43
CA GLU C 165 -30.60 -19.19 4.51
C GLU C 165 -29.70 -18.06 4.05
N TRP C 166 -28.46 -18.41 3.72
CA TRP C 166 -27.46 -17.42 3.34
C TRP C 166 -27.49 -17.11 1.84
N ASN C 167 -27.64 -15.83 1.53
CA ASN C 167 -27.58 -15.39 0.14
C ASN C 167 -26.73 -14.13 0.02
N ILE C 168 -25.67 -14.21 -0.80
CA ILE C 168 -24.76 -13.09 -1.02
C ILE C 168 -25.47 -11.84 -1.52
N GLU C 169 -26.34 -12.02 -2.51
CA GLU C 169 -26.99 -10.89 -3.18
C GLU C 169 -27.94 -10.12 -2.27
N THR C 170 -28.72 -10.84 -1.47
CA THR C 170 -29.79 -10.21 -0.69
C THR C 170 -29.37 -9.76 0.72
N GLU C 171 -28.19 -10.17 1.17
CA GLU C 171 -27.79 -9.91 2.55
C GLU C 171 -27.38 -8.45 2.78
N TYR C 172 -26.85 -7.81 1.75
CA TYR C 172 -26.45 -6.41 1.86
C TYR C 172 -27.52 -5.47 1.32
N ASN C 173 -28.64 -6.05 0.87
CA ASN C 173 -29.74 -5.27 0.32
C ASN C 173 -30.75 -4.86 1.39
N PRO C 174 -30.94 -3.54 1.55
CA PRO C 174 -31.89 -2.98 2.53
C PRO C 174 -33.32 -3.47 2.35
N GLN C 175 -33.74 -3.67 1.10
CA GLN C 175 -35.10 -4.11 0.80
C GLN C 175 -35.43 -5.44 1.45
N THR C 176 -34.43 -6.32 1.50
CA THR C 176 -34.57 -7.62 2.16
C THR C 176 -34.92 -7.43 3.63
N TYR C 177 -34.31 -6.41 4.24
CA TYR C 177 -34.57 -6.10 5.64
C TYR C 177 -35.87 -5.34 5.84
N ILE C 178 -36.32 -4.64 4.80
CA ILE C 178 -37.61 -3.97 4.87
C ILE C 178 -38.73 -5.02 4.79
N ASP C 179 -38.47 -6.09 4.06
CA ASP C 179 -39.45 -7.16 3.87
C ASP C 179 -39.58 -8.07 5.10
N LEU C 180 -38.52 -8.14 5.90
CA LEU C 180 -38.44 -9.12 6.98
C LEU C 180 -39.45 -8.94 8.14
N GLY C 181 -39.68 -7.74 8.67
CA GLY C 181 -38.96 -6.50 8.36
C GLY C 181 -38.04 -6.07 9.48
N ARG C 182 -37.98 -6.88 10.53
CA ARG C 182 -37.16 -6.54 11.69
C ARG C 182 -35.68 -6.70 11.40
N ILE C 183 -34.86 -5.84 11.97
CA ILE C 183 -33.41 -6.00 11.91
C ILE C 183 -32.91 -6.41 13.28
N SER C 184 -32.25 -7.57 13.36
CA SER C 184 -31.83 -8.11 14.64
C SER C 184 -30.34 -8.46 14.70
N LEU C 185 -29.83 -8.63 15.91
CA LEU C 185 -28.44 -9.03 16.11
C LEU C 185 -28.21 -10.49 15.73
N ALA C 186 -29.25 -11.31 15.91
CA ALA C 186 -29.16 -12.73 15.63
C ALA C 186 -28.96 -13.00 14.14
N ASP C 187 -29.39 -12.06 13.30
CA ASP C 187 -29.25 -12.19 11.86
C ASP C 187 -27.88 -11.69 11.39
N ASN C 188 -27.13 -11.08 12.31
CA ASN C 188 -25.80 -10.55 12.01
C ASN C 188 -25.84 -9.58 10.83
N VAL C 189 -26.46 -8.43 11.05
CA VAL C 189 -26.75 -7.48 9.97
C VAL C 189 -25.67 -6.42 9.79
N VAL C 190 -25.15 -6.32 8.58
CA VAL C 190 -24.17 -5.29 8.23
C VAL C 190 -24.46 -4.78 6.82
N LEU C 191 -24.43 -3.45 6.66
CA LEU C 191 -24.74 -2.83 5.37
C LEU C 191 -23.54 -2.07 4.81
N LYS C 192 -23.54 -1.89 3.50
CA LYS C 192 -22.40 -1.31 2.79
C LYS C 192 -22.17 0.17 3.07
N THR C 193 -23.24 0.91 3.33
CA THR C 193 -23.14 2.36 3.48
C THR C 193 -24.27 2.97 4.31
N THR C 194 -24.06 4.20 4.76
CA THR C 194 -25.01 4.91 5.60
C THR C 194 -26.35 5.16 4.93
N LYS C 195 -26.33 5.42 3.62
CA LYS C 195 -27.55 5.70 2.87
C LYS C 195 -28.51 4.51 2.94
N ASP C 196 -27.94 3.31 2.99
CA ASP C 196 -28.74 2.09 3.06
C ASP C 196 -29.45 1.99 4.41
N VAL C 197 -28.68 2.16 5.48
CA VAL C 197 -29.21 2.13 6.84
C VAL C 197 -30.29 3.18 7.01
N CYS C 198 -30.07 4.35 6.43
CA CYS C 198 -31.07 5.42 6.47
C CYS C 198 -32.32 5.02 5.70
N ASN C 199 -32.13 4.40 4.53
CA ASN C 199 -33.26 4.02 3.68
C ASN C 199 -34.06 2.85 4.23
N CYS C 200 -33.47 2.10 5.16
CA CYS C 200 -34.19 0.99 5.80
C CYS C 200 -35.33 1.51 6.66
N PHE C 201 -35.13 2.70 7.24
CA PHE C 201 -36.10 3.29 8.15
C PHE C 201 -37.07 4.25 7.45
N GLY C 202 -37.01 4.29 6.13
CA GLY C 202 -37.95 5.08 5.36
C GLY C 202 -37.40 6.32 4.67
N TYR C 203 -36.10 6.54 4.76
CA TYR C 203 -35.49 7.68 4.08
C TYR C 203 -35.35 7.45 2.57
N SER C 204 -35.43 8.54 1.81
CA SER C 204 -35.32 8.51 0.36
C SER C 204 -33.90 8.82 -0.12
N TYR C 205 -32.98 8.96 0.84
CA TYR C 205 -31.60 9.43 0.60
C TYR C 205 -30.87 8.68 -0.51
N LYS C 206 -30.30 9.44 -1.44
CA LYS C 206 -29.45 8.89 -2.50
C LYS C 206 -28.03 8.67 -2.00
N ASN C 207 -27.54 9.60 -1.18
CA ASN C 207 -26.28 9.46 -0.47
C ASN C 207 -26.33 10.25 0.83
N TYR C 208 -25.67 9.76 1.87
CA TYR C 208 -25.69 10.44 3.17
C TYR C 208 -24.29 10.55 3.78
N GLN C 209 -23.79 11.77 3.91
CA GLN C 209 -22.47 12.01 4.49
C GLN C 209 -22.52 12.43 5.96
N ARG C 210 -23.72 12.63 6.49
CA ARG C 210 -23.87 13.19 7.83
C ARG C 210 -23.74 12.12 8.92
N GLY C 211 -23.25 12.53 10.08
CA GLY C 211 -22.97 11.62 11.17
C GLY C 211 -24.19 10.94 11.78
N GLY C 212 -25.33 11.63 11.75
CA GLY C 212 -26.55 11.08 12.33
C GLY C 212 -27.80 11.63 11.68
N ALA C 213 -28.90 10.87 11.78
CA ALA C 213 -30.15 11.28 11.15
C ALA C 213 -31.34 10.92 12.03
N LEU C 214 -32.24 11.87 12.24
CA LEU C 214 -33.41 11.62 13.07
C LEU C 214 -34.35 10.61 12.43
N HIS C 215 -34.82 9.66 13.24
CA HIS C 215 -35.77 8.64 12.79
C HIS C 215 -37.08 9.31 12.40
N PRO C 216 -37.48 9.19 11.12
CA PRO C 216 -38.69 9.82 10.61
C PRO C 216 -39.98 9.38 11.32
N TYR C 217 -40.13 8.08 11.58
CA TYR C 217 -41.37 7.56 12.12
C TYR C 217 -41.38 7.47 13.65
N LYS C 218 -40.25 7.78 14.28
CA LYS C 218 -40.18 7.85 15.73
C LYS C 218 -39.43 9.10 16.19
N LYS C 219 -40.12 9.96 16.92
CA LYS C 219 -39.56 11.25 17.33
C LYS C 219 -38.53 11.12 18.46
N ASP C 220 -38.55 9.98 19.16
CA ASP C 220 -37.66 9.78 20.29
C ASP C 220 -36.38 9.04 19.91
N THR C 221 -36.26 8.68 18.63
CA THR C 221 -35.16 7.85 18.18
C THR C 221 -34.24 8.58 17.20
N LEU C 222 -32.94 8.27 17.28
CA LEU C 222 -31.95 8.86 16.38
C LEU C 222 -31.05 7.78 15.78
N ILE C 223 -30.95 7.76 14.46
CA ILE C 223 -30.07 6.83 13.77
C ILE C 223 -28.64 7.35 13.83
N TRP C 224 -27.75 6.53 14.39
CA TRP C 224 -26.38 6.94 14.67
C TRP C 224 -25.34 6.09 13.94
N PHE C 225 -24.31 6.74 13.41
CA PHE C 225 -23.21 6.02 12.75
C PHE C 225 -21.87 6.36 13.39
N PRO C 226 -21.66 5.92 14.64
CA PRO C 226 -20.44 6.26 15.37
C PRO C 226 -19.22 5.44 14.98
N ARG C 227 -18.04 6.00 15.23
CA ARG C 227 -16.82 5.20 15.27
C ARG C 227 -16.63 4.77 16.73
N LEU C 228 -16.62 3.46 16.96
CA LEU C 228 -16.61 2.93 18.33
C LEU C 228 -15.20 2.89 18.91
N TYR C 229 -14.24 3.41 18.15
CA TYR C 229 -12.87 3.56 18.62
C TYR C 229 -12.54 5.04 18.75
N GLU C 230 -11.31 5.35 19.16
CA GLU C 230 -10.91 6.74 19.32
C GLU C 230 -10.31 7.31 18.04
N ASN C 231 -10.86 8.44 17.60
CA ASN C 231 -10.30 9.17 16.48
C ASN C 231 -10.05 10.62 16.89
N LYS C 232 -9.66 11.46 15.93
CA LYS C 232 -9.32 12.84 16.23
C LYS C 232 -10.49 13.62 16.83
N ASP C 233 -11.68 13.43 16.27
CA ASP C 233 -12.84 14.20 16.69
C ASP C 233 -13.47 13.70 18.00
N TRP C 234 -13.59 12.39 18.13
CA TRP C 234 -14.30 11.81 19.27
C TRP C 234 -13.54 10.68 19.94
N ILE C 235 -13.80 10.47 21.23
CA ILE C 235 -13.30 9.30 21.94
C ILE C 235 -14.48 8.42 22.34
N ASN C 236 -14.61 7.28 21.68
CA ASN C 236 -15.74 6.40 21.93
C ASN C 236 -15.28 4.99 22.30
N THR C 237 -15.97 4.36 23.24
CA THR C 237 -15.66 2.99 23.64
C THR C 237 -16.91 2.13 23.70
N ILE C 238 -16.72 0.81 23.62
CA ILE C 238 -17.82 -0.13 23.77
C ILE C 238 -17.36 -1.32 24.59
N SER C 239 -18.18 -1.72 25.56
CA SER C 239 -17.86 -2.85 26.42
C SER C 239 -17.80 -4.15 25.62
N PRO C 240 -16.93 -5.07 26.02
CA PRO C 240 -16.77 -6.37 25.37
C PRO C 240 -18.07 -7.17 25.25
N ASP C 241 -19.02 -6.90 26.15
CA ASP C 241 -20.33 -7.56 26.07
C ASP C 241 -21.27 -6.82 25.12
N GLY C 242 -20.91 -5.58 24.80
CA GLY C 242 -21.70 -4.78 23.89
C GLY C 242 -22.90 -4.10 24.53
N LEU C 243 -23.00 -4.21 25.84
CA LEU C 243 -24.13 -3.63 26.58
C LEU C 243 -23.97 -2.12 26.82
N THR C 244 -22.72 -1.67 26.95
CA THR C 244 -22.46 -0.28 27.32
C THR C 244 -21.57 0.43 26.31
N ILE C 245 -22.02 1.59 25.84
CA ILE C 245 -21.22 2.40 24.92
C ILE C 245 -20.98 3.80 25.49
N THR C 246 -19.71 4.19 25.57
CA THR C 246 -19.37 5.51 26.09
C THR C 246 -18.96 6.45 24.97
N GLU C 247 -19.50 7.67 24.98
CA GLU C 247 -19.16 8.65 23.96
C GLU C 247 -18.67 9.97 24.57
N LYS C 248 -17.45 10.36 24.20
CA LYS C 248 -16.85 11.60 24.67
C LYS C 248 -16.15 12.30 23.51
N SER C 249 -15.61 13.49 23.76
CA SER C 249 -14.88 14.24 22.74
C SER C 249 -13.49 14.59 23.24
N THR C 250 -12.55 14.69 22.31
CA THR C 250 -11.17 15.02 22.65
C THR C 250 -11.05 16.42 23.25
N ASP C 251 -11.84 17.35 22.72
CA ASP C 251 -11.82 18.73 23.22
C ASP C 251 -12.95 18.95 24.24
N GLU C 252 -12.62 19.64 25.32
CA GLU C 252 -13.57 19.83 26.42
C GLU C 252 -14.61 20.92 26.12
N THR C 253 -14.33 21.76 25.13
CA THR C 253 -15.29 22.78 24.71
C THR C 253 -16.52 22.11 24.09
N ILE C 254 -16.24 21.23 23.13
CA ILE C 254 -17.28 20.44 22.50
C ILE C 254 -17.99 19.58 23.54
N THR C 255 -17.22 19.12 24.53
CA THR C 255 -17.74 18.28 25.59
C THR C 255 -18.76 19.00 26.45
N LEU C 256 -18.43 20.22 26.87
CA LEU C 256 -19.37 21.02 27.65
C LEU C 256 -20.54 21.45 26.79
N LYS C 257 -20.31 21.59 25.49
CA LYS C 257 -21.35 22.05 24.58
C LYS C 257 -22.37 20.96 24.21
N LYS C 258 -21.98 19.69 24.29
CA LYS C 258 -22.85 18.60 23.86
C LYS C 258 -23.73 18.03 24.98
N LEU C 259 -23.46 18.44 26.22
CA LEU C 259 -24.11 17.88 27.38
C LEU C 259 -25.63 18.11 27.38
N GLU C 260 -26.01 19.37 27.23
CA GLU C 260 -27.43 19.73 27.22
C GLU C 260 -28.15 19.09 26.03
N GLU C 261 -27.47 19.07 24.87
CA GLU C 261 -28.02 18.45 23.67
C GLU C 261 -28.32 16.98 23.92
N TRP C 262 -27.48 16.33 24.72
CA TRP C 262 -27.70 14.91 25.02
C TRP C 262 -28.77 14.71 26.07
N LYS C 263 -28.83 15.61 27.06
CA LYS C 263 -29.81 15.46 28.14
C LYS C 263 -31.24 15.76 27.70
N ASN C 264 -31.44 16.84 26.95
CA ASN C 264 -32.79 17.18 26.50
C ASN C 264 -33.14 16.56 25.13
N GLY C 265 -32.14 16.02 24.45
CA GLY C 265 -32.33 15.47 23.12
C GLY C 265 -33.05 14.13 23.12
N PRO C 266 -33.09 13.48 21.96
CA PRO C 266 -33.75 12.17 21.82
C PRO C 266 -33.11 11.12 22.72
N GLN C 267 -33.92 10.40 23.47
CA GLN C 267 -33.44 9.49 24.49
C GLN C 267 -33.03 8.12 23.95
N LYS C 268 -33.34 7.86 22.69
CA LYS C 268 -33.01 6.58 22.09
C LYS C 268 -32.17 6.74 20.82
N ARG C 269 -31.23 5.82 20.63
CA ARG C 269 -30.39 5.82 19.44
C ARG C 269 -30.20 4.42 18.88
N ILE C 270 -30.42 4.27 17.58
CA ILE C 270 -30.13 3.03 16.88
C ILE C 270 -28.70 3.09 16.37
N VAL C 271 -27.85 2.18 16.84
CA VAL C 271 -26.42 2.31 16.61
C VAL C 271 -25.90 1.40 15.49
N PHE C 272 -25.31 2.01 14.47
CA PHE C 272 -24.59 1.27 13.43
C PHE C 272 -23.12 1.69 13.41
N ALA C 273 -22.25 0.77 13.80
CA ALA C 273 -20.82 1.08 13.95
C ALA C 273 -20.07 0.94 12.64
N ARG C 274 -19.19 1.91 12.37
CA ARG C 274 -18.38 1.87 11.15
C ARG C 274 -17.19 0.93 11.31
N VAL C 275 -17.13 -0.06 10.43
CA VAL C 275 -16.07 -1.07 10.49
C VAL C 275 -15.50 -1.39 9.12
N LYS C 276 -14.22 -1.76 9.09
CA LYS C 276 -13.60 -2.22 7.86
C LYS C 276 -14.05 -3.64 7.52
N ASP C 277 -14.36 -3.88 6.26
CA ASP C 277 -14.74 -5.21 5.82
C ASP C 277 -13.56 -6.17 5.94
N ASN C 278 -13.84 -7.41 6.34
CA ASN C 278 -12.77 -8.40 6.51
C ASN C 278 -12.05 -8.69 5.20
N LEU C 279 -12.72 -8.41 4.09
CA LEU C 279 -12.12 -8.52 2.77
C LEU C 279 -12.19 -7.18 2.05
N SER C 280 -11.13 -6.86 1.30
CA SER C 280 -11.05 -5.66 0.46
C SER C 280 -10.98 -4.34 1.24
N SER C 281 -11.08 -4.40 2.56
CA SER C 281 -10.88 -3.25 3.45
C SER C 281 -11.74 -2.04 3.09
N ARG C 282 -13.03 -2.25 2.91
CA ARG C 282 -13.95 -1.16 2.59
C ARG C 282 -14.81 -0.81 3.80
N ALA C 283 -15.07 0.47 3.98
CA ALA C 283 -15.87 0.93 5.12
C ALA C 283 -17.29 0.38 5.05
N MET C 284 -17.72 -0.26 6.13
CA MET C 284 -19.07 -0.81 6.22
C MET C 284 -19.63 -0.56 7.61
N TYR C 285 -20.94 -0.77 7.77
CA TYR C 285 -21.60 -0.41 9.02
C TYR C 285 -22.39 -1.59 9.61
N ARG C 286 -22.00 -2.00 10.81
CA ARG C 286 -22.62 -3.13 11.49
C ARG C 286 -23.62 -2.67 12.55
N PHE C 287 -24.76 -3.34 12.63
CA PHE C 287 -25.79 -2.97 13.60
C PHE C 287 -25.44 -3.52 14.98
N MET C 288 -25.19 -2.62 15.93
CA MET C 288 -24.83 -3.02 17.29
C MET C 288 -26.02 -3.12 18.25
N GLY C 289 -27.13 -2.46 17.91
CA GLY C 289 -28.31 -2.52 18.76
C GLY C 289 -29.13 -1.24 18.84
N LEU C 290 -30.11 -1.27 19.75
CA LEU C 290 -30.88 -0.09 20.12
C LEU C 290 -30.55 0.29 21.56
N TYR C 291 -29.90 1.45 21.71
CA TYR C 291 -29.42 1.92 23.00
C TYR C 291 -30.25 3.10 23.50
N GLU C 292 -30.40 3.22 24.82
CA GLU C 292 -31.04 4.40 25.39
C GLU C 292 -30.06 5.14 26.30
N PHE C 293 -30.24 6.46 26.40
CA PHE C 293 -29.33 7.28 27.19
C PHE C 293 -29.47 7.01 28.68
N GLN C 294 -28.34 6.72 29.33
CA GLN C 294 -28.33 6.44 30.77
C GLN C 294 -27.86 7.64 31.59
N LYS C 295 -26.58 7.97 31.48
CA LYS C 295 -26.02 9.09 32.25
C LYS C 295 -25.02 9.92 31.47
N ALA C 296 -24.78 11.14 31.97
CA ALA C 296 -23.84 12.07 31.37
C ALA C 296 -22.85 12.61 32.41
N ASP C 297 -21.59 12.23 32.27
CA ASP C 297 -20.51 12.76 33.11
C ASP C 297 -19.45 13.35 32.20
N LEU C 298 -18.66 14.28 32.69
CA LEU C 298 -17.61 14.86 31.84
C LEU C 298 -16.39 13.97 31.77
N LYS C 299 -15.98 13.42 32.90
CA LYS C 299 -14.84 12.51 32.97
C LYS C 299 -15.04 11.27 32.10
N ASP C 300 -15.99 10.43 32.50
CA ASP C 300 -16.27 9.18 31.81
C ASP C 300 -17.01 9.38 30.49
N GLY C 301 -17.45 10.62 30.24
CA GLY C 301 -18.21 10.91 29.04
C GLY C 301 -19.66 10.52 29.19
N ALA C 302 -20.36 10.43 28.07
CA ALA C 302 -21.75 9.99 28.06
C ALA C 302 -21.84 8.47 28.09
N VAL C 303 -22.80 7.95 28.84
CA VAL C 303 -22.97 6.51 28.95
C VAL C 303 -24.31 6.06 28.38
N TRP C 304 -24.27 5.27 27.32
CA TRP C 304 -25.46 4.69 26.73
C TRP C 304 -25.55 3.20 27.07
N LYS C 305 -26.71 2.77 27.55
CA LYS C 305 -26.93 1.37 27.88
C LYS C 305 -27.80 0.72 26.81
N ARG C 306 -27.61 -0.58 26.58
CA ARG C 306 -28.33 -1.25 25.50
C ARG C 306 -29.64 -1.83 26.01
N VAL C 307 -30.74 -1.19 25.62
CA VAL C 307 -32.06 -1.61 26.01
C VAL C 307 -32.63 -2.71 25.11
N LYS C 308 -32.45 -2.58 23.80
CA LYS C 308 -33.12 -3.51 22.88
C LYS C 308 -32.20 -4.09 21.81
N SER C 309 -32.39 -5.37 21.51
CA SER C 309 -31.56 -6.06 20.53
C SER C 309 -32.17 -6.12 19.12
N GLU C 310 -33.38 -5.61 18.96
CA GLU C 310 -34.06 -5.64 17.67
C GLU C 310 -34.71 -4.31 17.34
N VAL C 311 -34.68 -3.95 16.06
CA VAL C 311 -35.31 -2.72 15.59
C VAL C 311 -36.22 -2.97 14.40
N GLN C 312 -37.35 -2.27 14.35
CA GLN C 312 -38.29 -2.39 13.24
C GLN C 312 -37.92 -1.46 12.10
N THR C 313 -38.03 -1.94 10.87
CA THR C 313 -37.77 -1.12 9.70
C THR C 313 -39.06 -0.60 9.09
N TYR C 314 -38.95 0.21 8.04
CA TYR C 314 -40.10 0.86 7.44
C TYR C 314 -39.93 1.08 5.94
N SER C 315 -41.05 1.19 5.23
CA SER C 315 -41.04 1.45 3.80
C SER C 315 -40.76 2.93 3.53
N PRO C 316 -40.18 3.24 2.36
CA PRO C 316 -39.86 4.61 1.97
C PRO C 316 -41.07 5.55 2.06
N LYS C 317 -40.81 6.79 2.45
CA LYS C 317 -41.88 7.76 2.68
C LYS C 317 -42.16 8.60 1.43
N ALA D 5 5.85 -43.35 15.25
CA ALA D 5 5.78 -41.98 14.75
C ALA D 5 4.82 -41.86 13.58
N SER D 6 3.53 -41.80 13.88
CA SER D 6 2.51 -41.62 12.86
C SER D 6 2.31 -40.14 12.55
N SER D 7 3.07 -39.31 13.24
CA SER D 7 3.00 -37.86 13.08
C SER D 7 3.62 -37.41 11.76
N ASP D 8 4.52 -38.24 11.23
CA ASP D 8 5.19 -37.95 9.98
C ASP D 8 4.20 -37.91 8.82
N LEU D 9 3.20 -38.79 8.88
CA LEU D 9 2.13 -38.82 7.90
C LEU D 9 1.44 -37.46 7.86
N THR D 10 1.03 -36.99 9.02
CA THR D 10 0.27 -35.75 9.13
C THR D 10 1.10 -34.54 8.71
N ASP D 11 2.35 -34.50 9.19
CA ASP D 11 3.26 -33.42 8.82
C ASP D 11 3.44 -33.38 7.31
N TYR D 12 3.62 -34.56 6.72
CA TYR D 12 3.73 -34.70 5.28
C TYR D 12 2.50 -34.14 4.59
N VAL D 13 1.33 -34.55 5.05
CA VAL D 13 0.06 -34.12 4.44
C VAL D 13 -0.11 -32.62 4.50
N ILE D 14 0.08 -32.02 5.67
CA ILE D 14 -0.14 -30.59 5.84
C ILE D 14 0.90 -29.78 5.05
N ARG D 15 2.12 -30.30 4.95
CA ARG D 15 3.16 -29.59 4.21
C ARG D 15 2.91 -29.69 2.70
N GLN D 16 2.34 -30.81 2.27
CA GLN D 16 2.02 -31.01 0.85
C GLN D 16 0.85 -30.12 0.44
N LEU D 17 -0.08 -29.90 1.36
CA LEU D 17 -1.24 -29.06 1.08
C LEU D 17 -0.98 -27.62 1.50
N GLY D 18 0.22 -27.37 2.01
CA GLY D 18 0.57 -26.05 2.50
C GLY D 18 1.53 -25.30 1.59
N ARG D 19 1.78 -25.85 0.42
CA ARG D 19 2.66 -25.19 -0.55
C ARG D 19 2.04 -23.87 -1.03
N THR D 20 2.89 -22.94 -1.43
CA THR D 20 2.41 -21.70 -2.02
C THR D 20 1.72 -22.01 -3.34
N LYS D 21 0.47 -21.56 -3.47
CA LYS D 21 -0.35 -21.92 -4.61
C LYS D 21 0.06 -21.19 -5.88
N ASN D 22 0.31 -21.95 -6.93
CA ASN D 22 0.61 -21.39 -8.25
C ASN D 22 -0.65 -20.89 -8.93
N LYS D 23 -1.77 -21.52 -8.60
CA LYS D 23 -3.04 -21.22 -9.22
C LYS D 23 -4.07 -20.78 -8.19
N ARG D 24 -5.11 -20.09 -8.65
CA ARG D 24 -6.10 -19.50 -7.75
C ARG D 24 -7.02 -20.56 -7.16
N TYR D 25 -7.51 -21.48 -8.00
CA TYR D 25 -8.48 -22.48 -7.57
C TYR D 25 -7.83 -23.80 -7.16
N GLU D 26 -6.50 -23.84 -7.18
CA GLU D 26 -5.75 -25.06 -6.86
C GLU D 26 -6.08 -25.61 -5.48
N ALA D 27 -5.90 -24.77 -4.45
CA ALA D 27 -6.07 -25.16 -3.06
C ALA D 27 -7.44 -25.79 -2.78
N TYR D 28 -8.50 -25.10 -3.20
CA TYR D 28 -9.87 -25.56 -2.95
C TYR D 28 -10.12 -26.94 -3.55
N VAL D 29 -9.84 -27.07 -4.84
CA VAL D 29 -10.09 -28.32 -5.56
C VAL D 29 -9.26 -29.46 -4.98
N VAL D 30 -7.96 -29.24 -4.85
CA VAL D 30 -7.06 -30.28 -4.34
C VAL D 30 -7.46 -30.73 -2.94
N SER D 31 -7.64 -29.77 -2.04
CA SER D 31 -8.01 -30.08 -0.67
C SER D 31 -9.35 -30.81 -0.59
N ARG D 32 -10.31 -30.39 -1.41
CA ARG D 32 -11.62 -31.04 -1.44
C ARG D 32 -11.48 -32.48 -1.92
N ILE D 33 -10.66 -32.70 -2.94
CA ILE D 33 -10.40 -34.03 -3.44
C ILE D 33 -9.82 -34.92 -2.34
N ILE D 34 -8.76 -34.43 -1.70
CA ILE D 34 -8.07 -35.18 -0.65
C ILE D 34 -9.01 -35.52 0.51
N HIS D 35 -9.73 -34.53 1.01
CA HIS D 35 -10.58 -34.71 2.17
C HIS D 35 -11.81 -35.58 1.87
N LEU D 36 -12.42 -35.38 0.71
CA LEU D 36 -13.60 -36.16 0.34
C LEU D 36 -13.23 -37.60 -0.01
N LEU D 37 -12.02 -37.80 -0.52
CA LEU D 37 -11.51 -39.14 -0.75
C LEU D 37 -11.29 -39.84 0.59
N ASN D 38 -10.62 -39.15 1.49
CA ASN D 38 -10.41 -39.61 2.87
C ASN D 38 -9.68 -40.95 2.95
N ASP D 39 -8.86 -41.25 1.95
CA ASP D 39 -8.00 -42.43 2.00
C ASP D 39 -6.55 -42.01 2.02
N PHE D 40 -5.91 -42.18 3.17
CA PHE D 40 -4.51 -41.79 3.33
C PHE D 40 -3.54 -42.96 3.15
N THR D 41 -4.08 -44.11 2.81
CA THR D 41 -3.25 -45.25 2.41
C THR D 41 -2.71 -45.02 1.00
N LEU D 42 -3.26 -44.00 0.33
CA LEU D 42 -2.80 -43.57 -0.98
C LEU D 42 -1.86 -42.38 -0.85
N LYS D 43 -0.60 -42.57 -1.21
CA LYS D 43 0.36 -41.47 -1.21
C LYS D 43 0.03 -40.49 -2.32
N PHE D 44 0.13 -39.20 -2.03
CA PHE D 44 -0.13 -38.18 -3.04
C PHE D 44 0.88 -37.04 -2.95
N VAL D 45 1.19 -36.44 -4.10
CA VAL D 45 2.12 -35.33 -4.17
C VAL D 45 1.50 -34.14 -4.89
N THR D 46 1.71 -32.94 -4.36
CA THR D 46 1.18 -31.74 -4.98
C THR D 46 2.28 -30.96 -5.69
N GLN D 47 1.91 -30.31 -6.79
CA GLN D 47 2.84 -29.53 -7.62
C GLN D 47 4.03 -30.39 -8.08
N GLN D 48 3.73 -31.54 -8.67
CA GLN D 48 4.74 -32.46 -9.14
C GLN D 48 5.29 -32.05 -10.51
N PHE D 49 6.61 -31.90 -10.58
CA PHE D 49 7.28 -31.57 -11.84
C PHE D 49 7.33 -32.78 -12.76
N VAL D 50 6.87 -32.60 -14.00
CA VAL D 50 6.88 -33.67 -14.98
C VAL D 50 7.53 -33.20 -16.27
N ARG D 51 8.01 -34.14 -17.09
CA ARG D 51 8.63 -33.80 -18.36
C ARG D 51 7.71 -34.16 -19.52
N LEU D 52 7.35 -33.16 -20.32
CA LEU D 52 6.42 -33.35 -21.43
C LEU D 52 7.07 -34.17 -22.55
N SER D 53 6.33 -34.36 -23.64
CA SER D 53 6.85 -35.06 -24.81
C SER D 53 8.04 -34.29 -25.37
N ASN D 54 7.92 -32.97 -25.40
CA ASN D 54 9.06 -32.12 -25.74
C ASN D 54 9.96 -31.95 -24.53
N LYS D 55 10.97 -31.10 -24.66
CA LYS D 55 11.97 -30.96 -23.59
C LYS D 55 11.58 -29.93 -22.53
N LYS D 56 10.44 -29.28 -22.68
CA LYS D 56 9.99 -28.33 -21.67
C LYS D 56 9.55 -29.02 -20.40
N ILE D 57 9.64 -28.32 -19.28
CA ILE D 57 9.25 -28.87 -17.99
C ILE D 57 7.88 -28.34 -17.58
N ALA D 58 6.98 -29.26 -17.25
CA ALA D 58 5.64 -28.89 -16.81
C ALA D 58 5.39 -29.32 -15.37
N LEU D 59 4.18 -29.09 -14.88
CA LEU D 59 3.83 -29.49 -13.52
C LEU D 59 2.35 -29.83 -13.40
N THR D 60 2.04 -30.81 -12.55
CA THR D 60 0.66 -31.17 -12.28
C THR D 60 0.32 -30.87 -10.82
N ASP D 61 -0.92 -30.44 -10.58
CA ASP D 61 -1.33 -29.97 -9.27
C ASP D 61 -1.45 -31.09 -8.24
N LEU D 62 -1.97 -32.24 -8.65
CA LEU D 62 -2.06 -33.39 -7.75
C LEU D 62 -1.54 -34.65 -8.43
N TYR D 63 -0.79 -35.46 -7.69
CA TYR D 63 -0.23 -36.68 -8.26
C TYR D 63 -0.30 -37.87 -7.30
N PHE D 64 -0.93 -38.94 -7.76
CA PHE D 64 -0.92 -40.22 -7.06
C PHE D 64 0.03 -41.19 -7.77
N PRO D 65 1.18 -41.44 -7.16
CA PRO D 65 2.24 -42.30 -7.71
C PRO D 65 1.82 -43.76 -7.80
N GLN D 66 1.10 -44.25 -6.79
CA GLN D 66 0.68 -45.64 -6.74
C GLN D 66 -0.26 -45.99 -7.88
N LEU D 67 -1.18 -45.08 -8.18
CA LEU D 67 -2.16 -45.30 -9.24
C LEU D 67 -1.68 -44.72 -10.58
N GLY D 68 -0.59 -43.95 -10.54
CA GLY D 68 -0.09 -43.29 -11.72
C GLY D 68 -1.12 -42.34 -12.29
N ILE D 69 -1.73 -41.56 -11.40
CA ILE D 69 -2.82 -40.67 -11.81
C ILE D 69 -2.53 -39.21 -11.47
N HIS D 70 -2.66 -38.32 -12.44
CA HIS D 70 -2.50 -36.89 -12.18
C HIS D 70 -3.84 -36.16 -12.24
N ILE D 71 -3.95 -35.09 -11.48
CA ILE D 71 -5.14 -34.24 -11.48
C ILE D 71 -4.71 -32.78 -11.63
N GLU D 72 -5.22 -32.13 -12.68
CA GLU D 72 -4.87 -30.75 -12.96
C GLU D 72 -6.09 -29.86 -13.12
N VAL D 73 -6.05 -28.68 -12.49
CA VAL D 73 -7.14 -27.73 -12.63
C VAL D 73 -6.83 -26.72 -13.75
N ASP D 74 -7.83 -26.45 -14.58
CA ASP D 74 -7.68 -25.50 -15.66
C ASP D 74 -8.46 -24.23 -15.36
N GLU D 75 -7.73 -23.18 -14.98
CA GLU D 75 -8.32 -21.86 -14.78
C GLU D 75 -8.06 -20.90 -15.94
N GLY D 76 -7.30 -21.35 -16.93
CA GLY D 76 -6.97 -20.49 -18.07
C GLY D 76 -5.71 -19.67 -17.88
N HIS D 77 -5.41 -18.80 -18.85
CA HIS D 77 -4.15 -18.05 -18.86
C HIS D 77 -3.98 -17.12 -17.67
N HIS D 78 -5.02 -16.38 -17.33
CA HIS D 78 -4.95 -15.41 -16.24
C HIS D 78 -5.08 -16.08 -14.87
N PHE D 79 -5.21 -15.24 -13.84
CA PHE D 79 -5.16 -15.66 -12.44
C PHE D 79 -3.85 -16.39 -12.15
N LEU D 80 -2.75 -15.78 -12.56
CA LEU D 80 -1.44 -16.39 -12.37
C LEU D 80 -0.68 -15.79 -11.18
N ARG D 81 -0.38 -16.64 -10.20
CA ARG D 81 0.42 -16.22 -9.06
C ARG D 81 1.89 -16.13 -9.46
N ASN D 82 2.34 -17.10 -10.26
CA ASN D 82 3.70 -17.11 -10.78
C ASN D 82 3.68 -16.70 -12.25
N SER D 83 4.24 -15.54 -12.56
CA SER D 83 4.12 -14.97 -13.90
C SER D 83 4.94 -15.71 -14.95
N LYS D 84 5.90 -16.50 -14.50
CA LYS D 84 6.82 -17.17 -15.42
C LYS D 84 6.24 -18.47 -15.99
N MET D 85 5.07 -18.87 -15.49
CA MET D 85 4.39 -20.05 -16.00
C MET D 85 3.73 -19.74 -17.36
N GLU D 86 3.47 -20.80 -18.13
CA GLU D 86 2.88 -20.64 -19.47
C GLU D 86 1.73 -21.61 -19.73
N TYR D 87 0.82 -21.20 -20.61
CA TYR D 87 -0.40 -21.95 -20.90
C TYR D 87 -0.38 -22.48 -22.33
N SER D 88 -0.28 -23.80 -22.48
CA SER D 88 -0.13 -24.40 -23.80
C SER D 88 -0.84 -25.75 -23.93
N LEU D 89 -1.03 -26.20 -25.16
CA LEU D 89 -1.67 -27.48 -25.43
C LEU D 89 -0.65 -28.52 -25.86
N ASN D 90 -0.88 -29.77 -25.47
CA ASN D 90 0.12 -30.83 -25.62
C ASN D 90 -0.51 -32.20 -25.91
N GLN D 91 0.30 -33.25 -25.76
CA GLN D 91 -0.12 -34.63 -26.03
C GLN D 91 -1.27 -35.07 -25.13
N ILE D 92 -1.95 -36.13 -25.53
CA ILE D 92 -3.21 -36.57 -24.92
C ILE D 92 -3.23 -36.54 -23.39
N ASP D 93 -2.42 -37.34 -22.71
CA ASP D 93 -2.29 -37.12 -21.27
C ASP D 93 -0.99 -36.39 -20.97
N GLU D 94 -1.12 -35.07 -20.85
CA GLU D 94 -0.05 -34.18 -20.43
C GLU D 94 -0.70 -32.96 -19.79
N PRO D 95 -0.02 -32.33 -18.82
CA PRO D 95 -0.57 -31.12 -18.21
C PRO D 95 -0.59 -29.94 -19.18
N LEU D 96 -1.50 -28.99 -18.96
CA LEU D 96 -1.63 -27.84 -19.85
C LEU D 96 -0.74 -26.67 -19.42
N TYR D 97 -0.18 -26.76 -18.22
CA TYR D 97 0.65 -25.68 -17.69
C TYR D 97 2.13 -26.05 -17.73
N SER D 98 2.94 -25.18 -18.32
CA SER D 98 4.36 -25.43 -18.45
C SER D 98 5.19 -24.29 -17.86
N ILE D 99 6.51 -24.43 -17.93
CA ILE D 99 7.43 -23.41 -17.44
C ILE D 99 8.36 -22.95 -18.55
N SER D 100 8.68 -21.67 -18.57
CA SER D 100 9.62 -21.13 -19.55
C SER D 100 10.98 -21.81 -19.42
N GLN D 101 11.64 -22.02 -20.55
CA GLN D 101 12.91 -22.74 -20.60
C GLN D 101 14.00 -22.08 -19.76
N THR D 102 13.89 -20.76 -19.57
CA THR D 102 14.85 -20.03 -18.77
C THR D 102 14.73 -20.40 -17.29
N GLU D 103 13.51 -20.44 -16.80
CA GLU D 103 13.25 -20.74 -15.39
C GLU D 103 13.19 -22.25 -15.15
N SER D 104 13.08 -23.02 -16.22
CA SER D 104 13.09 -24.48 -16.10
C SER D 104 14.52 -24.96 -15.93
N ASP D 105 15.46 -24.11 -16.33
CA ASP D 105 16.88 -24.42 -16.22
C ASP D 105 17.35 -24.31 -14.77
N ALA D 106 16.63 -23.54 -13.98
CA ALA D 106 16.89 -23.46 -12.55
C ALA D 106 16.23 -24.64 -11.83
N MET D 107 15.31 -25.29 -12.53
CA MET D 107 14.56 -26.41 -11.99
C MET D 107 15.17 -27.76 -12.34
N ARG D 108 16.34 -27.74 -12.99
CA ARG D 108 17.05 -28.95 -13.37
C ARG D 108 17.18 -29.93 -12.22
N GLU D 109 17.59 -29.42 -11.06
CA GLU D 109 17.87 -30.23 -9.89
C GLU D 109 16.61 -30.81 -9.25
N GLU D 110 15.46 -30.26 -9.58
CA GLU D 110 14.18 -30.73 -9.04
C GLU D 110 13.87 -32.14 -9.54
N ASP D 111 12.99 -32.84 -8.83
CA ASP D 111 12.60 -34.18 -9.21
C ASP D 111 11.59 -34.13 -10.35
N ILE D 112 11.96 -34.74 -11.48
CA ILE D 112 11.12 -34.73 -12.68
C ILE D 112 10.92 -36.13 -13.21
N ILE D 113 9.65 -36.52 -13.40
CA ILE D 113 9.33 -37.88 -13.79
C ILE D 113 8.66 -37.98 -15.15
N SER D 114 8.32 -39.19 -15.56
CA SER D 114 7.69 -39.44 -16.85
C SER D 114 6.19 -39.72 -16.71
N ILE D 115 5.38 -38.99 -17.46
CA ILE D 115 3.93 -39.12 -17.40
C ILE D 115 3.33 -40.04 -18.46
N THR D 116 4.19 -40.70 -19.24
CA THR D 116 3.77 -41.46 -20.41
C THR D 116 2.65 -42.47 -20.14
N GLY D 117 2.87 -43.38 -19.20
CA GLY D 117 1.89 -44.39 -18.90
C GLY D 117 0.78 -43.87 -18.00
N HIS D 118 0.95 -42.66 -17.48
CA HIS D 118 0.03 -42.09 -16.52
C HIS D 118 -1.21 -41.49 -17.17
N LYS D 119 -2.34 -41.57 -16.47
CA LYS D 119 -3.57 -40.94 -16.91
C LYS D 119 -3.78 -39.59 -16.20
N ILE D 120 -4.24 -38.58 -16.93
CA ILE D 120 -4.44 -37.26 -16.37
C ILE D 120 -5.91 -36.81 -16.43
N PHE D 121 -6.45 -36.39 -15.28
CA PHE D 121 -7.80 -35.84 -15.23
C PHE D 121 -7.74 -34.30 -15.16
N ARG D 122 -8.66 -33.64 -15.89
CA ARG D 122 -8.78 -32.18 -15.85
C ARG D 122 -10.04 -31.75 -15.14
N VAL D 123 -9.87 -30.78 -14.25
CA VAL D 123 -11.01 -30.11 -13.63
C VAL D 123 -11.20 -28.79 -14.34
N ASN D 124 -12.38 -28.58 -14.93
CA ASN D 124 -12.64 -27.36 -15.69
C ASN D 124 -13.48 -26.42 -14.84
N VAL D 125 -12.86 -25.31 -14.46
CA VAL D 125 -13.45 -24.37 -13.50
C VAL D 125 -14.42 -23.40 -14.18
N PHE D 126 -14.31 -23.26 -15.49
CA PHE D 126 -15.13 -22.28 -16.21
C PHE D 126 -16.08 -22.95 -17.19
N LYS D 127 -15.55 -23.44 -18.30
CA LYS D 127 -16.32 -24.27 -19.22
C LYS D 127 -15.71 -25.67 -19.29
N ASN D 128 -16.52 -26.67 -19.02
CA ASN D 128 -16.10 -28.06 -19.11
C ASN D 128 -16.06 -28.51 -20.56
N GLN D 129 -15.73 -29.78 -20.75
CA GLN D 129 -15.96 -30.46 -22.02
C GLN D 129 -17.45 -30.34 -22.36
N GLU D 130 -17.75 -30.35 -23.66
CA GLU D 130 -19.11 -30.31 -24.21
C GLU D 130 -19.64 -28.86 -24.23
N GLY D 131 -18.84 -27.91 -23.74
CA GLY D 131 -19.05 -26.49 -24.04
C GLY D 131 -19.91 -25.73 -23.05
N GLN D 132 -20.32 -26.44 -22.01
CA GLN D 132 -21.27 -25.92 -21.05
C GLN D 132 -20.57 -25.27 -19.85
N PRO D 133 -20.95 -24.02 -19.53
CA PRO D 133 -20.39 -23.21 -18.45
C PRO D 133 -20.66 -23.83 -17.08
N GLN D 134 -19.79 -23.54 -16.10
CA GLN D 134 -19.90 -24.15 -14.78
C GLN D 134 -19.40 -23.24 -13.65
N ASN D 135 -20.06 -23.34 -12.50
CA ASN D 135 -19.58 -22.71 -11.27
C ASN D 135 -20.03 -23.48 -10.04
N LEU D 136 -19.22 -23.47 -8.99
CA LEU D 136 -19.60 -24.06 -7.71
C LEU D 136 -20.03 -25.51 -7.87
N GLU D 137 -21.33 -25.75 -7.67
CA GLU D 137 -21.91 -27.09 -7.59
C GLU D 137 -21.39 -28.03 -8.68
N ASN D 138 -21.46 -27.60 -9.94
CA ASN D 138 -20.99 -28.41 -11.06
C ASN D 138 -19.57 -28.90 -10.86
N ILE D 139 -18.67 -27.99 -10.46
CA ILE D 139 -17.29 -28.35 -10.18
C ILE D 139 -17.21 -29.55 -9.24
N HIS D 140 -17.98 -29.50 -8.17
CA HIS D 140 -17.98 -30.59 -7.19
C HIS D 140 -18.24 -31.93 -7.90
N GLN D 141 -19.22 -31.94 -8.80
CA GLN D 141 -19.53 -33.13 -9.57
C GLN D 141 -18.27 -33.68 -10.22
N GLN D 142 -17.55 -32.82 -10.95
CA GLN D 142 -16.30 -33.21 -11.58
C GLN D 142 -15.41 -33.88 -10.56
N ILE D 143 -15.18 -33.18 -9.45
CA ILE D 143 -14.35 -33.68 -8.38
C ILE D 143 -14.83 -35.06 -7.97
N ASP D 144 -16.12 -35.18 -7.70
CA ASP D 144 -16.71 -36.45 -7.29
C ASP D 144 -16.37 -37.53 -8.31
N LYS D 145 -16.61 -37.23 -9.58
CA LYS D 145 -16.34 -38.19 -10.64
C LYS D 145 -14.89 -38.64 -10.54
N ILE D 146 -13.99 -37.66 -10.44
CA ILE D 146 -12.57 -37.94 -10.34
C ILE D 146 -12.33 -38.92 -9.21
N ILE D 147 -12.89 -38.60 -8.04
CA ILE D 147 -12.74 -39.45 -6.87
C ILE D 147 -13.11 -40.88 -7.22
N GLU D 148 -14.29 -41.04 -7.82
CA GLU D 148 -14.76 -42.37 -8.21
C GLU D 148 -13.71 -43.06 -9.06
N GLU D 149 -13.26 -42.37 -10.09
CA GLU D 149 -12.22 -42.91 -10.97
C GLU D 149 -11.06 -43.40 -10.13
N ILE D 150 -10.55 -42.50 -9.27
CA ILE D 150 -9.43 -42.83 -8.40
C ILE D 150 -9.73 -44.13 -7.66
N LYS D 151 -10.88 -44.16 -6.99
CA LYS D 151 -11.28 -45.33 -6.22
C LYS D 151 -11.21 -46.57 -7.09
N THR D 152 -11.89 -46.52 -8.25
CA THR D 152 -11.92 -47.66 -9.15
C THR D 152 -10.50 -48.09 -9.48
N ALA D 153 -9.66 -47.10 -9.78
CA ALA D 153 -8.26 -47.38 -10.12
C ALA D 153 -7.62 -48.22 -9.03
N LYS D 154 -7.76 -47.76 -7.79
CA LYS D 154 -7.19 -48.47 -6.65
C LYS D 154 -7.68 -49.89 -6.63
N ASN D 155 -8.99 -50.06 -6.79
CA ASN D 155 -9.60 -51.37 -6.80
C ASN D 155 -9.01 -52.21 -7.92
N LYS D 156 -8.87 -51.61 -9.09
CA LYS D 156 -8.34 -52.30 -10.25
C LYS D 156 -6.92 -52.78 -9.96
N LEU D 157 -6.20 -52.01 -9.13
CA LEU D 157 -4.86 -52.41 -8.74
C LEU D 157 -4.89 -53.45 -7.63
N ILE D 158 -5.86 -53.35 -6.72
CA ILE D 158 -5.85 -54.16 -5.52
C ILE D 158 -6.38 -55.57 -5.80
N GLU D 159 -7.19 -55.72 -6.85
CA GLU D 159 -7.71 -57.03 -7.23
C GLU D 159 -6.66 -57.82 -8.00
N ALA D 160 -5.73 -57.11 -8.61
CA ALA D 160 -4.63 -57.75 -9.34
C ALA D 160 -3.44 -57.97 -8.40
N SER D 161 -3.61 -57.56 -7.15
CA SER D 161 -2.59 -57.70 -6.10
C SER D 161 -1.31 -56.96 -6.48
N THR D 162 -1.42 -55.96 -7.33
CA THR D 162 -0.28 -55.14 -7.72
C THR D 162 -0.19 -53.91 -6.82
N PHE D 163 -1.21 -53.72 -6.00
CA PHE D 163 -1.29 -52.56 -5.11
C PHE D 163 -0.53 -52.79 -3.80
N LYS D 164 0.33 -51.85 -3.45
CA LYS D 164 1.08 -51.93 -2.21
C LYS D 164 0.81 -50.68 -1.36
N GLU D 165 0.36 -50.89 -0.13
CA GLU D 165 -0.08 -49.78 0.72
C GLU D 165 1.08 -48.86 1.10
N TRP D 166 0.74 -47.62 1.45
CA TRP D 166 1.74 -46.61 1.79
C TRP D 166 2.04 -46.56 3.27
N ASN D 167 3.31 -46.71 3.62
CA ASN D 167 3.76 -46.54 5.00
C ASN D 167 5.01 -45.68 5.05
N ILE D 168 4.93 -44.56 5.75
CA ILE D 168 5.94 -43.51 5.70
C ILE D 168 7.30 -43.96 6.24
N GLU D 169 7.27 -44.60 7.41
CA GLU D 169 8.49 -44.95 8.12
C GLU D 169 9.37 -45.92 7.34
N THR D 170 8.75 -46.91 6.69
CA THR D 170 9.49 -47.99 6.06
C THR D 170 9.89 -47.72 4.61
N GLU D 171 9.34 -46.68 4.00
CA GLU D 171 9.57 -46.46 2.57
C GLU D 171 10.97 -45.93 2.29
N TYR D 172 11.58 -45.27 3.26
CA TYR D 172 12.93 -44.75 3.10
C TYR D 172 13.97 -45.70 3.69
N ASN D 173 13.51 -46.81 4.25
CA ASN D 173 14.38 -47.79 4.88
C ASN D 173 14.81 -48.88 3.91
N PRO D 174 16.13 -49.00 3.69
CA PRO D 174 16.71 -50.03 2.80
C PRO D 174 16.34 -51.45 3.20
N GLN D 175 16.24 -51.69 4.50
CA GLN D 175 16.00 -53.03 5.04
C GLN D 175 14.72 -53.65 4.48
N THR D 176 13.68 -52.84 4.32
CA THR D 176 12.43 -53.36 3.79
C THR D 176 12.60 -53.74 2.31
N TYR D 177 13.49 -53.04 1.62
CA TYR D 177 13.71 -53.29 0.21
C TYR D 177 14.59 -54.50 0.00
N ILE D 178 15.46 -54.80 0.97
CA ILE D 178 16.22 -56.04 0.90
C ILE D 178 15.31 -57.18 1.33
N ASP D 179 14.27 -56.86 2.09
CA ASP D 179 13.34 -57.87 2.58
C ASP D 179 12.32 -58.32 1.53
N LEU D 180 11.73 -57.37 0.80
CA LEU D 180 10.74 -57.75 -0.21
C LEU D 180 11.38 -58.42 -1.43
N GLY D 181 12.61 -58.03 -1.75
CA GLY D 181 13.38 -58.71 -2.77
C GLY D 181 13.56 -58.03 -4.12
N ARG D 182 12.76 -57.00 -4.41
CA ARG D 182 12.85 -56.35 -5.71
C ARG D 182 12.64 -54.84 -5.65
N ILE D 183 13.48 -54.10 -6.38
CA ILE D 183 13.31 -52.66 -6.50
C ILE D 183 12.78 -52.35 -7.90
N SER D 184 11.59 -51.76 -7.96
CA SER D 184 10.91 -51.54 -9.22
C SER D 184 10.44 -50.10 -9.38
N LEU D 185 10.09 -49.73 -10.61
CA LEU D 185 9.59 -48.39 -10.90
C LEU D 185 8.17 -48.19 -10.39
N ALA D 186 7.41 -49.28 -10.32
CA ALA D 186 6.00 -49.22 -9.95
C ALA D 186 5.81 -48.83 -8.49
N ASP D 187 6.82 -49.09 -7.66
CA ASP D 187 6.74 -48.77 -6.25
C ASP D 187 7.15 -47.33 -5.97
N ASN D 188 7.66 -46.66 -6.99
CA ASN D 188 8.12 -45.27 -6.88
C ASN D 188 9.13 -45.12 -5.74
N VAL D 189 10.30 -45.72 -5.92
CA VAL D 189 11.29 -45.81 -4.85
C VAL D 189 12.34 -44.69 -4.94
N VAL D 190 12.50 -43.98 -3.82
CA VAL D 190 13.51 -42.95 -3.69
C VAL D 190 14.12 -43.01 -2.29
N LEU D 191 15.45 -42.93 -2.21
CA LEU D 191 16.13 -43.04 -0.94
C LEU D 191 16.86 -41.75 -0.58
N LYS D 192 17.09 -41.55 0.71
CA LYS D 192 17.62 -40.29 1.22
C LYS D 192 19.08 -40.02 0.82
N THR D 193 19.87 -41.08 0.64
CA THR D 193 21.28 -40.90 0.34
C THR D 193 21.89 -42.10 -0.38
N THR D 194 23.17 -41.97 -0.73
CA THR D 194 23.86 -42.99 -1.50
C THR D 194 24.19 -44.23 -0.66
N LYS D 195 24.47 -44.01 0.62
CA LYS D 195 24.82 -45.12 1.51
C LYS D 195 23.66 -46.10 1.65
N ASP D 196 22.43 -45.59 1.56
CA ASP D 196 21.25 -46.43 1.71
C ASP D 196 21.06 -47.37 0.53
N VAL D 197 21.04 -46.79 -0.68
CA VAL D 197 20.91 -47.59 -1.89
C VAL D 197 22.09 -48.54 -2.03
N CYS D 198 23.27 -48.10 -1.59
CA CYS D 198 24.43 -48.99 -1.56
C CYS D 198 24.20 -50.15 -0.59
N ASN D 199 23.58 -49.86 0.54
CA ASN D 199 23.29 -50.89 1.54
C ASN D 199 22.20 -51.85 1.09
N CYS D 200 21.41 -51.42 0.12
CA CYS D 200 20.37 -52.28 -0.46
C CYS D 200 20.99 -53.45 -1.22
N PHE D 201 22.15 -53.21 -1.84
CA PHE D 201 22.81 -54.21 -2.67
C PHE D 201 23.86 -55.02 -1.91
N GLY D 202 23.94 -54.80 -0.61
CA GLY D 202 24.84 -55.59 0.23
C GLY D 202 26.08 -54.91 0.77
N TYR D 203 26.22 -53.62 0.51
CA TYR D 203 27.34 -52.86 1.07
C TYR D 203 27.15 -52.58 2.57
N SER D 204 28.26 -52.53 3.30
CA SER D 204 28.25 -52.22 4.72
C SER D 204 28.54 -50.74 4.99
N TYR D 205 28.64 -49.95 3.92
CA TYR D 205 29.12 -48.57 3.97
C TYR D 205 28.44 -47.69 5.03
N LYS D 206 29.26 -46.99 5.81
CA LYS D 206 28.77 -46.01 6.79
C LYS D 206 28.43 -44.69 6.11
N ASN D 207 29.24 -44.33 5.12
CA ASN D 207 29.00 -43.15 4.29
C ASN D 207 29.55 -43.37 2.89
N TYR D 208 28.87 -42.83 1.88
CA TYR D 208 29.37 -42.95 0.51
C TYR D 208 29.36 -41.62 -0.23
N GLN D 209 30.55 -41.11 -0.54
CA GLN D 209 30.70 -39.85 -1.26
C GLN D 209 30.90 -40.00 -2.76
N ARG D 210 31.12 -41.23 -3.23
CA ARG D 210 31.57 -41.47 -4.60
C ARG D 210 30.42 -41.44 -5.61
N GLY D 211 30.74 -41.02 -6.84
CA GLY D 211 29.77 -40.91 -7.90
C GLY D 211 29.22 -42.24 -8.40
N GLY D 212 29.98 -43.31 -8.22
CA GLY D 212 29.58 -44.62 -8.70
C GLY D 212 30.14 -45.75 -7.84
N ALA D 213 29.49 -46.90 -7.90
CA ALA D 213 29.87 -48.03 -7.04
C ALA D 213 29.78 -49.36 -7.78
N LEU D 214 30.82 -50.17 -7.63
CA LEU D 214 30.81 -51.51 -8.22
C LEU D 214 29.85 -52.42 -7.46
N HIS D 215 29.00 -53.12 -8.20
CA HIS D 215 28.05 -54.06 -7.62
C HIS D 215 28.77 -55.28 -7.09
N PRO D 216 28.65 -55.55 -5.78
CA PRO D 216 29.30 -56.69 -5.13
C PRO D 216 28.90 -58.04 -5.72
N TYR D 217 27.62 -58.24 -5.98
CA TYR D 217 27.11 -59.54 -6.43
C TYR D 217 27.09 -59.67 -7.95
N LYS D 218 27.34 -58.59 -8.67
CA LYS D 218 27.42 -58.62 -10.12
C LYS D 218 28.61 -57.84 -10.65
N LYS D 219 29.51 -58.53 -11.35
CA LYS D 219 30.72 -57.90 -11.86
C LYS D 219 30.48 -57.12 -13.14
N ASP D 220 29.38 -57.42 -13.83
CA ASP D 220 29.08 -56.77 -15.10
C ASP D 220 28.17 -55.56 -14.95
N THR D 221 27.71 -55.29 -13.73
CA THR D 221 26.81 -54.16 -13.49
C THR D 221 27.47 -53.08 -12.65
N LEU D 222 27.07 -51.83 -12.88
CA LEU D 222 27.60 -50.70 -12.13
C LEU D 222 26.49 -49.82 -11.56
N ILE D 223 26.54 -49.58 -10.26
CA ILE D 223 25.56 -48.68 -9.62
C ILE D 223 25.97 -47.23 -9.86
N TRP D 224 25.08 -46.46 -10.49
CA TRP D 224 25.40 -45.10 -10.88
C TRP D 224 24.50 -44.08 -10.20
N PHE D 225 25.09 -42.96 -9.77
CA PHE D 225 24.34 -41.87 -9.16
C PHE D 225 24.54 -40.58 -9.95
N PRO D 226 24.03 -40.54 -11.19
CA PRO D 226 24.26 -39.38 -12.07
C PRO D 226 23.35 -38.19 -11.77
N ARG D 227 23.79 -37.01 -12.18
CA ARG D 227 22.90 -35.88 -12.34
C ARG D 227 22.38 -35.94 -13.77
N LEU D 228 21.07 -36.09 -13.93
CA LEU D 228 20.48 -36.33 -15.25
C LEU D 228 20.29 -35.03 -16.01
N TYR D 229 20.74 -33.93 -15.42
CA TYR D 229 20.75 -32.63 -16.07
C TYR D 229 22.17 -32.20 -16.36
N GLU D 230 22.33 -31.01 -16.93
CA GLU D 230 23.66 -30.50 -17.27
C GLU D 230 24.29 -29.74 -16.11
N ASN D 231 25.51 -30.12 -15.76
CA ASN D 231 26.29 -29.40 -14.76
C ASN D 231 27.67 -29.06 -15.29
N LYS D 232 28.53 -28.52 -14.43
CA LYS D 232 29.86 -28.10 -14.82
C LYS D 232 30.70 -29.22 -15.44
N ASP D 233 30.73 -30.38 -14.77
CA ASP D 233 31.59 -31.49 -15.19
C ASP D 233 30.99 -32.29 -16.34
N TRP D 234 29.69 -32.55 -16.29
CA TRP D 234 29.05 -33.39 -17.29
C TRP D 234 27.80 -32.77 -17.90
N ILE D 235 27.50 -33.19 -19.12
CA ILE D 235 26.24 -32.89 -19.80
C ILE D 235 25.47 -34.20 -19.97
N ASN D 236 24.39 -34.34 -19.20
CA ASN D 236 23.60 -35.56 -19.24
C ASN D 236 22.14 -35.24 -19.54
N THR D 237 21.51 -36.10 -20.34
CA THR D 237 20.09 -35.95 -20.65
C THR D 237 19.37 -37.29 -20.51
N ILE D 238 18.05 -37.22 -20.34
CA ILE D 238 17.23 -38.42 -20.31
C ILE D 238 15.94 -38.17 -21.10
N SER D 239 15.59 -39.12 -21.97
CA SER D 239 14.40 -39.00 -22.80
C SER D 239 13.14 -38.94 -21.95
N PRO D 240 12.12 -38.19 -22.42
CA PRO D 240 10.85 -38.04 -21.71
C PRO D 240 10.17 -39.38 -21.39
N ASP D 241 10.46 -40.42 -22.18
CA ASP D 241 9.93 -41.75 -21.90
C ASP D 241 10.79 -42.48 -20.88
N GLY D 242 12.01 -41.99 -20.67
CA GLY D 242 12.92 -42.58 -19.71
C GLY D 242 13.66 -43.80 -20.25
N LEU D 243 13.47 -44.08 -21.54
CA LEU D 243 14.10 -45.23 -22.17
C LEU D 243 15.56 -44.97 -22.54
N THR D 244 15.88 -43.71 -22.85
CA THR D 244 17.20 -43.37 -23.35
C THR D 244 17.89 -42.31 -22.49
N ILE D 245 19.12 -42.61 -22.06
CA ILE D 245 19.95 -41.66 -21.33
C ILE D 245 21.25 -41.40 -22.08
N THR D 246 21.52 -40.11 -22.32
CA THR D 246 22.72 -39.67 -23.01
C THR D 246 23.70 -39.01 -22.05
N GLU D 247 24.98 -39.36 -22.17
CA GLU D 247 26.00 -38.76 -21.32
C GLU D 247 27.20 -38.31 -22.15
N LYS D 248 27.63 -37.07 -21.94
CA LYS D 248 28.84 -36.54 -22.57
C LYS D 248 29.43 -35.51 -21.61
N SER D 249 30.67 -35.07 -21.84
CA SER D 249 31.29 -34.13 -20.94
C SER D 249 31.57 -32.76 -21.58
N THR D 250 31.65 -31.74 -20.74
CA THR D 250 31.96 -30.36 -21.12
C THR D 250 33.24 -30.27 -21.96
N ASP D 251 34.24 -31.06 -21.58
CA ASP D 251 35.47 -31.17 -22.35
C ASP D 251 35.37 -32.36 -23.29
N GLU D 252 35.66 -32.13 -24.58
CA GLU D 252 35.61 -33.21 -25.56
C GLU D 252 36.77 -34.19 -25.38
N THR D 253 37.85 -33.70 -24.77
CA THR D 253 39.00 -34.55 -24.46
C THR D 253 38.59 -35.63 -23.46
N ILE D 254 37.86 -35.23 -22.44
CA ILE D 254 37.39 -36.15 -21.41
C ILE D 254 36.42 -37.17 -22.01
N THR D 255 35.61 -36.73 -22.97
CA THR D 255 34.70 -37.63 -23.66
C THR D 255 35.47 -38.66 -24.47
N LEU D 256 36.46 -38.20 -25.22
CA LEU D 256 37.30 -39.07 -26.04
C LEU D 256 38.06 -40.08 -25.18
N LYS D 257 38.51 -39.66 -24.00
CA LYS D 257 39.25 -40.55 -23.13
C LYS D 257 38.31 -41.47 -22.36
N LYS D 258 37.04 -41.10 -22.26
CA LYS D 258 36.04 -41.93 -21.58
C LYS D 258 35.33 -42.88 -22.53
N LEU D 259 35.56 -42.71 -23.83
CA LEU D 259 34.93 -43.57 -24.83
C LEU D 259 35.35 -45.03 -24.65
N GLU D 260 36.66 -45.25 -24.54
CA GLU D 260 37.21 -46.60 -24.39
C GLU D 260 36.75 -47.22 -23.07
N GLU D 261 36.64 -46.40 -22.03
CA GLU D 261 36.15 -46.86 -20.75
C GLU D 261 34.69 -47.25 -20.84
N TRP D 262 33.96 -46.57 -21.72
CA TRP D 262 32.55 -46.86 -21.94
C TRP D 262 32.34 -48.17 -22.70
N LYS D 263 33.16 -48.39 -23.73
CA LYS D 263 33.00 -49.60 -24.54
C LYS D 263 33.56 -50.84 -23.85
N ASN D 264 34.69 -50.69 -23.17
CA ASN D 264 35.33 -51.83 -22.50
C ASN D 264 34.86 -52.04 -21.06
N GLY D 265 34.15 -51.07 -20.52
CA GLY D 265 33.68 -51.15 -19.14
C GLY D 265 32.45 -52.01 -19.00
N PRO D 266 31.83 -51.99 -17.80
CA PRO D 266 30.60 -52.75 -17.55
C PRO D 266 29.46 -52.27 -18.45
N GLN D 267 28.77 -53.21 -19.08
CA GLN D 267 27.79 -52.87 -20.11
C GLN D 267 26.42 -52.53 -19.56
N LYS D 268 26.19 -52.81 -18.27
CA LYS D 268 24.91 -52.48 -17.66
C LYS D 268 25.08 -51.64 -16.39
N ARG D 269 24.17 -50.69 -16.20
CA ARG D 269 24.21 -49.80 -15.05
C ARG D 269 22.85 -49.69 -14.37
N ILE D 270 22.84 -49.84 -13.06
CA ILE D 270 21.65 -49.59 -12.25
C ILE D 270 21.62 -48.11 -11.89
N VAL D 271 20.59 -47.39 -12.32
CA VAL D 271 20.62 -45.94 -12.24
C VAL D 271 19.77 -45.35 -11.11
N PHE D 272 20.41 -44.62 -10.22
CA PHE D 272 19.71 -43.81 -9.23
C PHE D 272 20.04 -42.34 -9.45
N ALA D 273 19.06 -41.56 -9.90
CA ALA D 273 19.31 -40.17 -10.25
C ALA D 273 19.20 -39.25 -9.05
N ARG D 274 20.13 -38.29 -8.95
CA ARG D 274 20.11 -37.32 -7.86
C ARG D 274 19.08 -36.23 -8.14
N VAL D 275 18.11 -36.10 -7.25
CA VAL D 275 17.04 -35.13 -7.40
C VAL D 275 16.75 -34.43 -6.07
N LYS D 276 16.32 -33.18 -6.15
CA LYS D 276 15.86 -32.47 -4.98
C LYS D 276 14.54 -33.04 -4.49
N ASP D 277 14.44 -33.29 -3.19
CA ASP D 277 13.17 -33.68 -2.59
C ASP D 277 12.19 -32.52 -2.77
N ASN D 278 10.93 -32.85 -3.07
CA ASN D 278 9.92 -31.82 -3.28
C ASN D 278 9.73 -30.94 -2.03
N LEU D 279 10.10 -31.49 -0.88
CA LEU D 279 10.13 -30.72 0.36
C LEU D 279 11.55 -30.70 0.92
N SER D 280 11.89 -29.58 1.54
CA SER D 280 13.13 -29.39 2.31
C SER D 280 14.39 -29.22 1.46
N SER D 281 14.26 -29.37 0.14
CA SER D 281 15.36 -29.11 -0.80
C SER D 281 16.63 -29.88 -0.47
N ARG D 282 16.50 -31.15 -0.12
CA ARG D 282 17.67 -31.96 0.19
C ARG D 282 17.90 -33.02 -0.88
N ALA D 283 19.16 -33.28 -1.18
CA ALA D 283 19.53 -34.24 -2.22
C ALA D 283 19.00 -35.63 -1.90
N MET D 284 18.26 -36.20 -2.85
CA MET D 284 17.75 -37.55 -2.72
C MET D 284 17.99 -38.30 -4.03
N TYR D 285 17.84 -39.62 -4.00
CA TYR D 285 18.18 -40.44 -5.15
C TYR D 285 17.03 -41.36 -5.56
N ARG D 286 16.49 -41.13 -6.76
CA ARG D 286 15.37 -41.89 -7.28
C ARG D 286 15.84 -42.94 -8.28
N PHE D 287 15.25 -44.13 -8.19
CA PHE D 287 15.65 -45.25 -9.06
C PHE D 287 15.02 -45.11 -10.44
N MET D 288 15.85 -44.91 -11.46
CA MET D 288 15.34 -44.74 -12.82
C MET D 288 15.25 -46.04 -13.62
N GLY D 289 15.98 -47.06 -13.20
CA GLY D 289 15.92 -48.34 -13.89
C GLY D 289 17.21 -49.12 -13.97
N LEU D 290 17.15 -50.20 -14.75
CA LEU D 290 18.33 -50.98 -15.12
C LEU D 290 18.59 -50.79 -16.61
N TYR D 291 19.69 -50.10 -16.91
CA TYR D 291 20.01 -49.68 -18.26
C TYR D 291 21.16 -50.48 -18.86
N GLU D 292 21.13 -50.66 -20.18
CA GLU D 292 22.19 -51.38 -20.89
C GLU D 292 22.92 -50.44 -21.84
N PHE D 293 24.24 -50.64 -21.99
CA PHE D 293 25.03 -49.79 -22.88
C PHE D 293 24.65 -50.04 -24.34
N GLN D 294 24.28 -48.98 -25.04
CA GLN D 294 23.91 -49.10 -26.45
C GLN D 294 25.04 -48.64 -27.38
N LYS D 295 25.41 -47.36 -27.31
CA LYS D 295 26.39 -46.86 -28.28
C LYS D 295 27.19 -45.66 -27.77
N ALA D 296 28.27 -45.30 -28.45
CA ALA D 296 29.05 -44.11 -28.10
C ALA D 296 29.67 -43.43 -29.33
N ASP D 297 29.53 -42.11 -29.41
CA ASP D 297 30.15 -41.32 -30.48
C ASP D 297 30.88 -40.12 -29.87
N LEU D 298 31.68 -39.47 -30.70
CA LEU D 298 32.36 -38.22 -30.35
C LEU D 298 31.37 -37.08 -30.35
N LYS D 299 30.53 -37.04 -31.38
CA LYS D 299 29.64 -35.91 -31.58
C LYS D 299 28.53 -35.79 -30.54
N ASP D 300 27.71 -36.83 -30.43
CA ASP D 300 26.52 -36.78 -29.56
C ASP D 300 26.64 -37.48 -28.20
N GLY D 301 27.80 -38.10 -27.93
CA GLY D 301 28.12 -38.66 -26.63
C GLY D 301 27.91 -40.17 -26.47
N ALA D 302 27.87 -40.65 -25.24
CA ALA D 302 27.45 -42.02 -24.95
C ALA D 302 25.92 -42.13 -24.86
N VAL D 303 25.44 -43.34 -25.15
CA VAL D 303 24.04 -43.63 -25.29
C VAL D 303 23.70 -44.96 -24.59
N TRP D 304 22.73 -44.86 -23.66
CA TRP D 304 22.28 -45.94 -22.79
C TRP D 304 20.80 -46.20 -23.00
N LYS D 305 20.42 -47.46 -23.16
CA LYS D 305 19.02 -47.85 -23.32
C LYS D 305 18.57 -48.62 -22.09
N ARG D 306 17.29 -48.55 -21.74
CA ARG D 306 16.80 -49.22 -20.54
C ARG D 306 16.27 -50.62 -20.85
N VAL D 307 17.00 -51.64 -20.39
CA VAL D 307 16.59 -53.02 -20.62
C VAL D 307 15.54 -53.50 -19.61
N LYS D 308 15.71 -53.15 -18.34
CA LYS D 308 14.82 -53.70 -17.32
C LYS D 308 14.31 -52.65 -16.33
N SER D 309 13.06 -52.80 -15.90
CA SER D 309 12.45 -51.87 -14.96
C SER D 309 12.54 -52.37 -13.51
N GLU D 310 13.10 -53.56 -13.32
CA GLU D 310 13.22 -54.14 -11.99
C GLU D 310 14.63 -54.63 -11.71
N VAL D 311 15.07 -54.48 -10.47
CA VAL D 311 16.39 -54.99 -10.07
C VAL D 311 16.31 -55.81 -8.79
N GLN D 312 17.13 -56.85 -8.71
CA GLN D 312 17.16 -57.72 -7.54
C GLN D 312 18.08 -57.14 -6.45
N THR D 313 17.64 -57.25 -5.21
CA THR D 313 18.42 -56.76 -4.08
C THR D 313 19.16 -57.90 -3.40
N TYR D 314 19.96 -57.55 -2.39
CA TYR D 314 20.75 -58.55 -1.67
C TYR D 314 20.95 -58.14 -0.21
N SER D 315 21.15 -59.13 0.65
CA SER D 315 21.48 -58.87 2.05
C SER D 315 22.96 -58.51 2.17
N PRO D 316 23.32 -57.69 3.16
CA PRO D 316 24.72 -57.32 3.40
C PRO D 316 25.61 -58.54 3.59
N LYS D 317 26.80 -58.51 2.99
CA LYS D 317 27.71 -59.64 3.06
C LYS D 317 28.77 -59.42 4.13
P 5HC E 5 20.60 -8.68 6.46
OP1 5HC E 5 19.32 -8.79 7.25
OP2 5HC E 5 21.56 -7.69 7.07
O5' 5HC E 5 20.31 -8.32 4.94
C5' 5HC E 5 21.42 -7.88 4.11
C4' 5HC E 5 21.15 -8.28 2.64
O4' 5HC E 5 20.52 -9.36 2.60
C3' 5HC E 5 20.19 -7.21 1.96
O3' 5HC E 5 20.84 -6.54 0.96
C2' 5HC E 5 19.07 -8.01 1.39
C1' 5HC E 5 19.53 -9.24 1.35
N1 5HC E 5 18.44 -10.15 1.46
C2 5HC E 5 17.93 -10.78 0.24
O2 5HC E 5 18.43 -10.51 -0.83
N3 5HC E 5 16.80 -11.72 0.32
C4 5HC E 5 16.21 -12.04 1.57
N4 5HC E 5 15.10 -12.98 1.63
C5 5HC E 5 16.73 -11.41 2.79
C5M 5HC E 5 16.10 -11.74 4.12
O5 5HC E 5 16.62 -10.89 5.12
C6 5HC E 5 17.86 -10.46 2.72
P 5HC F 5 -45.80 25.76 11.68
OP1 5HC F 5 -46.29 24.36 11.98
OP2 5HC F 5 -44.58 26.09 12.48
O5' 5HC F 5 -45.53 25.93 10.12
C5' 5HC F 5 -46.21 25.04 9.20
C4' 5HC F 5 -46.13 25.62 7.77
O4' 5HC F 5 -45.89 26.84 7.80
C3' 5HC F 5 -44.92 24.97 6.96
O3' 5HC F 5 -45.40 24.10 6.03
C2' 5HC F 5 -44.24 26.13 6.30
C1' 5HC F 5 -45.04 27.15 6.48
N1 5HC F 5 -44.29 28.34 6.66
C2 5HC F 5 -44.06 29.24 5.53
O2 5HC F 5 -44.53 28.98 4.44
N3 5HC F 5 -43.29 30.49 5.72
C4 5HC F 5 -42.76 30.80 6.98
N4 5HC F 5 -41.98 32.02 7.17
C5 5HC F 5 -42.98 29.89 8.13
C5M 5HC F 5 -42.41 30.22 9.47
O5 5HC F 5 -42.78 29.23 10.41
C6 5HC F 5 -43.76 28.66 7.93
#